data_5MQ6
#
_entry.id   5MQ6
#
_cell.length_a   59.200
_cell.length_b   91.020
_cell.length_c   133.520
_cell.angle_alpha   90.00
_cell.angle_beta   90.00
_cell.angle_gamma   90.00
#
_symmetry.space_group_name_H-M   'P 21 21 21'
#
loop_
_entity.id
_entity.type
_entity.pdbx_description
1 polymer 'Pyridine nucleotide-disulfide oxidoreductase-like protein'
2 non-polymer 'FLAVIN-ADENINE DINUCLEOTIDE'
3 non-polymer 'NADPH DIHYDRO-NICOTINAMIDE-ADENINE-DINUCLEOTIDE PHOSPHATE'
4 non-polymer GLYCEROL
5 water water
#
_entity_poly.entity_id   1
_entity_poly.type   'polypeptide(L)'
_entity_poly.pdbx_seq_one_letter_code
;MAPSAEGASGAPTPEDLKLHQLSQKYTAEAAKRFRPEGLGQFIRLKEVGNERFRALAEDPWVDHAALNAKEPVKDGSRYK
FIILGAGYGGLLYAVRLAEAGLASGPDDILMVDAAGGFGGTWWWNRYPGLHCDVESYSYMPLLEETGYIPKSKYAAGPEL
LEHAYRIATQWKLHDKALFRSNVKTIRWDDESRLWSLEVTEGRGPGQQSRELKLQARYVLLASGILTNPQVPKIPGLETF
TGPVFHTARWNYDVTGGSPTDEALNRLEGKRVGIIGTGATAIQVVPKLAKYAKELYVFQRTPSGVWWRGQRPTDPVEWKT
KIARKKGWQRERMLNLDSYLTDAAEEGQENMVADGWTEMPAFSAVIGSPRHGIVEPTPEKIAEHLGRLYKLDLPHAEQVR
ARTDSIVKDPKTAAKLKAWYPTWCKRPTFSDEYLQTFNLPNVHLVDTDGKGVDAANPSGLVVADKEYPLDILVLSTGYVT
PSIGGGSPAVRTGVDIYGRGGKSLDDKWQTHGAATLHGVCSNGFPNLFFTPLSQSSQAANNAFTLDVGTEHIVQVIKTAE
DRVDGDALVEVTSEAEEAWSFEIMKHAGWFASVTGCTPGYITSEGEALRKSEDPMEMAKRARSGNLSQGMASYMKLLQEY
RADGSLKGFDISSRA
;
_entity_poly.pdbx_strand_id   A
#
loop_
_chem_comp.id
_chem_comp.type
_chem_comp.name
_chem_comp.formula
FAD non-polymer 'FLAVIN-ADENINE DINUCLEOTIDE' 'C27 H33 N9 O15 P2'
GOL non-polymer GLYCEROL 'C3 H8 O3'
NDP non-polymer 'NADPH DIHYDRO-NICOTINAMIDE-ADENINE-DINUCLEOTIDE PHOSPHATE' 'C21 H30 N7 O17 P3'
#
# COMPACT_ATOMS: atom_id res chain seq x y z
N PRO A 14 24.06 -33.01 -5.05
CA PRO A 14 23.90 -32.56 -6.43
C PRO A 14 24.19 -31.07 -6.66
N GLU A 15 24.45 -30.74 -7.91
CA GLU A 15 24.47 -29.35 -8.40
C GLU A 15 23.28 -28.43 -7.90
N ASP A 16 22.02 -28.78 -8.20
CA ASP A 16 20.79 -28.06 -7.75
C ASP A 16 20.92 -27.77 -6.23
N LEU A 17 21.20 -28.84 -5.45
CA LEU A 17 21.21 -28.74 -3.97
C LEU A 17 22.46 -27.98 -3.48
N LYS A 18 23.58 -28.16 -4.17
CA LYS A 18 24.78 -27.37 -3.91
C LYS A 18 24.46 -25.88 -4.03
N LEU A 19 23.92 -25.45 -5.17
CA LEU A 19 23.61 -24.04 -5.41
C LEU A 19 22.86 -23.41 -4.18
N HIS A 20 22.14 -24.17 -3.35
CA HIS A 20 21.71 -23.58 -2.02
C HIS A 20 22.80 -23.52 -0.87
N GLN A 21 24.01 -23.08 -1.23
CA GLN A 21 24.85 -22.22 -0.39
C GLN A 21 24.50 -20.71 -0.72
N LEU A 22 23.71 -20.49 -1.77
CA LEU A 22 22.96 -19.25 -1.99
C LEU A 22 22.23 -18.77 -0.70
N SER A 23 21.50 -19.69 -0.09
CA SER A 23 20.79 -19.38 1.15
C SER A 23 21.78 -19.08 2.32
N GLN A 24 23.04 -19.49 2.19
CA GLN A 24 24.09 -18.93 3.04
C GLN A 24 24.44 -17.47 2.75
N LYS A 25 24.55 -17.10 1.47
CA LYS A 25 24.75 -15.69 1.12
C LYS A 25 23.53 -14.83 1.56
N TYR A 26 22.34 -15.39 1.40
CA TYR A 26 21.06 -14.77 1.80
C TYR A 26 20.99 -14.50 3.32
N THR A 27 21.29 -15.52 4.16
CA THR A 27 21.28 -15.25 5.62
C THR A 27 22.41 -14.24 6.03
N ALA A 28 23.61 -14.33 5.47
CA ALA A 28 24.67 -13.30 5.74
C ALA A 28 24.23 -11.86 5.44
N GLU A 29 23.59 -11.69 4.28
CA GLU A 29 23.11 -10.37 3.89
C GLU A 29 21.93 -9.92 4.75
N ALA A 30 21.12 -10.88 5.23
CA ALA A 30 20.00 -10.55 6.13
C ALA A 30 20.50 -10.14 7.52
N ALA A 31 21.52 -10.86 8.01
CA ALA A 31 22.15 -10.62 9.33
C ALA A 31 22.77 -9.25 9.40
N LYS A 32 23.49 -8.94 8.33
CA LYS A 32 24.05 -7.62 8.14
C LYS A 32 23.10 -6.52 8.56
N ARG A 33 21.80 -6.68 8.36
CA ARG A 33 20.87 -5.59 8.71
C ARG A 33 19.84 -5.87 9.82
N PHE A 34 20.16 -6.81 10.69
CA PHE A 34 19.39 -6.96 11.93
C PHE A 34 19.56 -5.66 12.72
N ARG A 35 18.43 -5.03 13.01
CA ARG A 35 18.34 -3.90 13.92
C ARG A 35 17.54 -4.39 15.14
N PRO A 36 18.18 -4.42 16.33
CA PRO A 36 17.41 -4.75 17.56
C PRO A 36 16.13 -3.86 17.83
N GLU A 37 16.21 -2.59 17.46
CA GLU A 37 15.08 -1.63 17.55
C GLU A 37 13.86 -1.99 16.67
N GLY A 38 14.01 -2.86 15.68
CA GLY A 38 12.89 -3.11 14.75
C GLY A 38 12.34 -1.82 14.13
N LEU A 39 11.00 -1.67 14.15
CA LEU A 39 10.32 -0.44 13.68
C LEU A 39 10.79 0.84 14.39
N GLY A 40 11.37 0.72 15.59
CA GLY A 40 11.93 1.88 16.37
C GLY A 40 12.96 2.76 15.66
N GLN A 41 13.62 2.24 14.64
CA GLN A 41 14.52 3.02 13.76
C GLN A 41 13.87 4.17 12.87
N PHE A 42 12.53 4.18 12.75
CA PHE A 42 11.82 5.10 11.85
C PHE A 42 10.94 5.96 12.68
N ILE A 43 10.63 7.14 12.18
CA ILE A 43 9.63 7.98 12.79
C ILE A 43 8.81 8.58 11.68
N ARG A 44 7.51 8.76 11.93
CA ARG A 44 6.70 9.48 10.98
C ARG A 44 7.19 10.92 10.84
N LEU A 45 7.24 11.35 9.60
CA LEU A 45 7.61 12.70 9.25
C LEU A 45 6.80 13.72 10.07
N LYS A 46 5.46 13.55 10.05
CA LYS A 46 4.58 14.43 10.78
C LYS A 46 4.76 14.39 12.33
N GLU A 47 5.36 13.34 12.90
CA GLU A 47 5.75 13.35 14.33
C GLU A 47 7.22 13.72 14.72
N VAL A 48 8.03 14.26 13.80
CA VAL A 48 9.41 14.56 14.17
C VAL A 48 9.39 15.77 15.11
N GLY A 49 10.28 15.78 16.12
CA GLY A 49 10.40 16.93 17.06
C GLY A 49 10.37 18.30 16.37
N ASN A 50 11.34 18.52 15.48
CA ASN A 50 11.59 19.76 14.74
C ASN A 50 10.45 20.12 13.78
N GLU A 51 9.92 21.33 13.92
CA GLU A 51 8.75 21.79 13.15
C GLU A 51 8.99 21.96 11.63
N ARG A 52 10.17 22.47 11.26
CA ARG A 52 10.66 22.47 9.85
C ARG A 52 10.44 21.13 9.19
N PHE A 53 10.84 20.10 9.92
CA PHE A 53 10.74 18.73 9.50
C PHE A 53 9.33 18.18 9.34
N ARG A 54 8.54 18.34 10.39
CA ARG A 54 7.11 18.10 10.33
C ARG A 54 6.41 18.75 9.16
N ALA A 55 6.81 19.97 8.82
CA ALA A 55 6.16 20.68 7.73
C ALA A 55 6.35 20.00 6.40
N LEU A 56 7.34 19.12 6.34
CA LEU A 56 7.59 18.35 5.11
C LEU A 56 6.48 17.39 4.80
N ALA A 57 5.69 17.06 5.79
CA ALA A 57 4.58 16.21 5.59
C ALA A 57 3.33 16.92 5.00
N GLU A 58 3.36 18.23 4.83
CA GLU A 58 2.17 18.94 4.42
C GLU A 58 1.91 18.75 2.97
N ASP A 59 0.68 19.02 2.57
CA ASP A 59 0.18 18.81 1.22
C ASP A 59 0.67 19.93 0.34
N PRO A 60 1.54 19.64 -0.65
CA PRO A 60 2.00 20.69 -1.53
C PRO A 60 1.06 21.11 -2.57
N TRP A 61 0.03 20.33 -2.83
CA TRP A 61 -0.73 20.52 -4.03
C TRP A 61 -2.05 21.23 -3.79
N VAL A 62 -2.48 21.29 -2.55
CA VAL A 62 -3.86 21.79 -2.27
C VAL A 62 -4.04 23.29 -2.55
N ASP A 63 -5.13 23.63 -3.23
CA ASP A 63 -5.50 24.99 -3.45
C ASP A 63 -6.48 25.44 -2.33
N HIS A 64 -5.94 26.01 -1.27
CA HIS A 64 -6.71 26.40 -0.12
C HIS A 64 -7.76 27.48 -0.42
N ALA A 65 -7.41 28.43 -1.25
CA ALA A 65 -8.36 29.46 -1.73
C ALA A 65 -9.57 28.83 -2.33
N ALA A 66 -9.35 27.93 -3.27
CA ALA A 66 -10.49 27.23 -3.92
C ALA A 66 -11.38 26.50 -2.94
N LEU A 67 -10.74 25.77 -2.02
CA LEU A 67 -11.53 24.99 -1.00
C LEU A 67 -12.22 25.89 0.02
N ASN A 68 -11.47 26.84 0.58
CA ASN A 68 -12.06 27.85 1.45
C ASN A 68 -13.27 28.63 0.85
N ALA A 69 -13.43 28.66 -0.45
CA ALA A 69 -14.55 29.34 -1.01
C ALA A 69 -15.76 28.43 -1.20
N LYS A 70 -15.67 27.14 -0.96
CA LYS A 70 -16.87 26.32 -1.09
C LYS A 70 -17.63 26.40 0.22
N GLU A 71 -18.88 26.00 0.18
CA GLU A 71 -19.72 25.99 1.41
C GLU A 71 -19.06 25.03 2.42
N PRO A 72 -18.75 25.49 3.62
CA PRO A 72 -18.08 24.57 4.54
C PRO A 72 -19.01 23.49 5.05
N VAL A 73 -18.45 22.36 5.37
CA VAL A 73 -19.19 21.33 6.11
C VAL A 73 -19.48 21.82 7.54
N LYS A 74 -20.74 21.67 7.96
CA LYS A 74 -21.11 22.15 9.29
C LYS A 74 -20.79 21.17 10.39
N ASP A 75 -20.33 21.70 11.51
CA ASP A 75 -20.18 20.92 12.73
C ASP A 75 -21.55 20.33 13.09
N GLY A 76 -21.55 19.08 13.54
CA GLY A 76 -22.77 18.34 13.87
C GLY A 76 -23.61 17.72 12.78
N SER A 77 -23.11 17.75 11.58
CA SER A 77 -23.68 17.12 10.40
C SER A 77 -23.81 15.58 10.51
N ARG A 78 -24.87 15.02 9.91
CA ARG A 78 -25.24 13.60 9.95
C ARG A 78 -25.36 13.07 8.54
N TYR A 79 -24.85 11.86 8.31
CA TYR A 79 -24.85 11.29 6.99
C TYR A 79 -25.27 9.83 7.12
N LYS A 80 -25.58 9.18 6.01
CA LYS A 80 -25.88 7.73 6.10
C LYS A 80 -24.54 6.98 6.20
N PHE A 81 -23.66 7.17 5.19
CA PHE A 81 -22.34 6.58 5.14
C PHE A 81 -21.25 7.69 5.23
N ILE A 82 -20.29 7.47 6.11
CA ILE A 82 -18.99 8.16 6.02
C ILE A 82 -17.96 7.18 5.54
N ILE A 83 -17.30 7.59 4.47
CA ILE A 83 -16.13 6.90 3.93
C ILE A 83 -14.84 7.65 4.28
N LEU A 84 -13.89 6.96 4.91
CA LEU A 84 -12.61 7.57 5.24
C LEU A 84 -11.67 7.16 4.14
N GLY A 85 -11.24 8.16 3.38
CA GLY A 85 -10.43 7.97 2.24
C GLY A 85 -11.15 8.22 0.92
N ALA A 86 -10.50 8.99 0.06
CA ALA A 86 -11.00 9.41 -1.21
C ALA A 86 -10.00 8.99 -2.32
N GLY A 87 -9.18 7.97 -2.03
CA GLY A 87 -8.39 7.36 -3.06
C GLY A 87 -9.25 6.35 -3.84
N TYR A 88 -8.61 5.50 -4.63
CA TYR A 88 -9.31 4.47 -5.42
C TYR A 88 -10.18 3.58 -4.54
N GLY A 89 -9.71 3.27 -3.35
CA GLY A 89 -10.54 2.49 -2.46
C GLY A 89 -11.82 3.12 -2.01
N GLY A 90 -11.75 4.32 -1.47
CA GLY A 90 -12.96 5.01 -1.10
C GLY A 90 -13.86 5.32 -2.25
N LEU A 91 -13.27 5.68 -3.39
CA LEU A 91 -14.08 5.84 -4.60
C LEU A 91 -14.86 4.57 -4.96
N LEU A 92 -14.19 3.41 -4.95
CA LEU A 92 -14.88 2.16 -5.17
C LEU A 92 -16.01 1.92 -4.20
N TYR A 93 -15.82 2.26 -2.96
CA TYR A 93 -16.95 2.11 -2.00
C TYR A 93 -18.11 3.02 -2.43
N ALA A 94 -17.77 4.27 -2.79
CA ALA A 94 -18.79 5.24 -3.13
C ALA A 94 -19.56 4.83 -4.38
N VAL A 95 -18.80 4.49 -5.41
CA VAL A 95 -19.43 3.99 -6.63
C VAL A 95 -20.31 2.73 -6.35
N ARG A 96 -19.83 1.80 -5.56
CA ARG A 96 -20.56 0.59 -5.31
C ARG A 96 -21.85 0.88 -4.53
N LEU A 97 -21.78 1.75 -3.53
CA LEU A 97 -22.97 2.14 -2.80
C LEU A 97 -24.02 2.78 -3.75
N ALA A 98 -23.55 3.69 -4.57
CA ALA A 98 -24.45 4.38 -5.52
C ALA A 98 -25.12 3.32 -6.42
N GLU A 99 -24.38 2.39 -7.02
CA GLU A 99 -24.92 1.34 -7.92
C GLU A 99 -25.78 0.31 -7.16
N ALA A 100 -25.55 0.13 -5.90
CA ALA A 100 -26.38 -0.77 -5.14
C ALA A 100 -27.69 -0.17 -4.74
N GLY A 101 -27.90 1.11 -5.05
CA GLY A 101 -29.07 1.85 -4.63
C GLY A 101 -29.08 2.27 -3.17
N LEU A 102 -27.93 2.31 -2.48
CA LEU A 102 -27.88 2.66 -1.05
C LEU A 102 -27.61 4.16 -0.76
N ALA A 103 -27.32 4.93 -1.78
CA ALA A 103 -26.85 6.31 -1.57
C ALA A 103 -27.46 7.24 -2.62
N SER A 104 -28.77 7.29 -2.67
CA SER A 104 -29.47 8.18 -3.62
C SER A 104 -29.73 9.59 -3.11
N GLY A 105 -30.10 9.66 -1.84
CA GLY A 105 -30.22 10.91 -1.09
C GLY A 105 -29.01 11.83 -1.02
N PRO A 106 -29.26 13.11 -0.84
CA PRO A 106 -28.15 14.06 -0.94
C PRO A 106 -27.09 14.02 0.20
N ASP A 107 -27.49 13.59 1.41
CA ASP A 107 -26.57 13.36 2.55
C ASP A 107 -26.23 11.90 2.85
N ASP A 108 -26.38 11.03 1.86
CA ASP A 108 -26.09 9.65 2.04
C ASP A 108 -24.59 9.32 2.10
N ILE A 109 -23.73 10.16 1.55
CA ILE A 109 -22.28 9.95 1.51
C ILE A 109 -21.55 11.20 1.88
N LEU A 110 -20.60 11.08 2.82
CA LEU A 110 -19.52 12.00 2.98
C LEU A 110 -18.24 11.22 2.96
N MET A 111 -17.38 11.60 2.04
CA MET A 111 -16.02 11.05 1.95
C MET A 111 -15.13 12.04 2.66
N VAL A 112 -14.24 11.51 3.51
CA VAL A 112 -13.33 12.34 4.30
C VAL A 112 -11.91 11.91 4.05
N ASP A 113 -11.04 12.90 3.81
CA ASP A 113 -9.67 12.61 3.49
C ASP A 113 -8.82 13.81 3.92
N ALA A 114 -7.65 13.53 4.44
CA ALA A 114 -6.61 14.52 4.74
C ALA A 114 -6.03 15.12 3.47
N ALA A 115 -6.02 14.42 2.36
CA ALA A 115 -5.59 15.03 1.10
C ALA A 115 -6.43 16.19 0.69
N GLY A 116 -5.89 17.00 -0.22
CA GLY A 116 -6.61 18.20 -0.73
C GLY A 116 -7.59 17.94 -1.87
N GLY A 117 -7.68 16.68 -2.26
CA GLY A 117 -8.56 16.32 -3.34
C GLY A 117 -8.57 14.79 -3.48
N PHE A 118 -9.26 14.32 -4.52
CA PHE A 118 -9.41 12.90 -4.77
C PHE A 118 -8.11 12.26 -5.20
N GLY A 119 -7.99 10.96 -4.95
CA GLY A 119 -6.88 10.21 -5.51
C GLY A 119 -6.02 9.42 -4.54
N GLY A 120 -6.04 9.77 -3.24
CA GLY A 120 -5.20 9.14 -2.24
C GLY A 120 -3.71 9.15 -2.66
N THR A 121 -3.11 7.98 -2.69
CA THR A 121 -1.79 7.78 -3.25
C THR A 121 -1.44 8.71 -4.45
N TRP A 122 -2.36 8.77 -5.42
CA TRP A 122 -2.19 9.53 -6.68
C TRP A 122 -2.41 11.06 -6.54
N TRP A 123 -3.00 11.46 -5.40
CA TRP A 123 -3.07 12.87 -5.00
C TRP A 123 -1.70 13.25 -4.41
N TRP A 124 -1.22 12.50 -3.44
CA TRP A 124 -0.02 12.87 -2.70
C TRP A 124 1.30 12.76 -3.46
N ASN A 125 1.47 11.66 -4.17
CA ASN A 125 2.70 11.33 -4.85
C ASN A 125 2.60 11.83 -6.23
N ARG A 126 3.47 12.78 -6.54
CA ARG A 126 3.54 13.29 -7.92
C ARG A 126 4.99 13.53 -8.33
N TYR A 127 5.90 12.73 -7.77
CA TYR A 127 7.33 12.94 -7.95
C TYR A 127 7.67 12.63 -9.42
N PRO A 128 8.83 13.08 -9.92
CA PRO A 128 9.19 12.87 -11.34
C PRO A 128 9.40 11.41 -11.67
N GLY A 129 8.79 10.95 -12.72
CA GLY A 129 8.86 9.52 -13.10
C GLY A 129 7.84 8.52 -12.51
N LEU A 130 6.95 8.99 -11.66
CA LEU A 130 6.00 8.11 -11.02
C LEU A 130 5.08 7.40 -12.00
N HIS A 131 5.03 6.09 -11.87
CA HIS A 131 4.12 5.24 -12.58
C HIS A 131 3.60 4.13 -11.65
N CYS A 132 2.40 3.65 -11.90
CA CYS A 132 1.90 2.42 -11.27
CA CYS A 132 1.98 2.41 -11.18
C CYS A 132 2.84 1.30 -11.78
N ASP A 133 3.14 0.33 -10.93
CA ASP A 133 4.00 -0.82 -11.22
C ASP A 133 3.23 -2.02 -11.70
N VAL A 134 1.89 -1.99 -11.61
CA VAL A 134 1.05 -3.01 -12.17
C VAL A 134 0.50 -2.43 -13.50
N GLU A 135 0.38 -3.29 -14.51
CA GLU A 135 -0.33 -2.88 -15.76
C GLU A 135 -1.56 -2.01 -15.50
N SER A 136 -1.62 -0.88 -16.20
CA SER A 136 -2.75 0.06 -16.19
C SER A 136 -4.10 -0.60 -16.40
N TYR A 137 -4.18 -1.53 -17.36
CA TYR A 137 -5.46 -2.18 -17.71
C TYR A 137 -5.97 -3.08 -16.56
N SER A 138 -5.06 -3.53 -15.73
CA SER A 138 -5.36 -4.37 -14.57
C SER A 138 -5.56 -3.57 -13.30
N TYR A 139 -4.92 -2.41 -13.21
CA TYR A 139 -4.85 -1.61 -12.00
C TYR A 139 -5.91 -0.51 -11.91
N MET A 140 -6.06 0.29 -12.97
CA MET A 140 -7.01 1.41 -12.91
C MET A 140 -8.44 0.88 -12.71
N PRO A 141 -9.12 1.31 -11.70
CA PRO A 141 -10.48 0.84 -11.48
C PRO A 141 -11.50 1.29 -12.47
N LEU A 142 -12.52 0.47 -12.65
CA LEU A 142 -13.74 0.88 -13.33
C LEU A 142 -13.48 1.31 -14.76
N LEU A 143 -12.55 0.62 -15.42
CA LEU A 143 -12.24 0.93 -16.81
C LEU A 143 -13.44 0.69 -17.71
N GLU A 144 -14.06 -0.46 -17.56
CA GLU A 144 -15.18 -0.76 -18.42
C GLU A 144 -16.32 0.23 -18.16
N GLU A 145 -16.53 0.66 -16.91
CA GLU A 145 -17.66 1.50 -16.53
C GLU A 145 -17.47 2.95 -16.87
N THR A 146 -16.23 3.40 -16.95
CA THR A 146 -15.97 4.74 -17.33
C THR A 146 -15.76 4.86 -18.86
N GLY A 147 -15.54 3.75 -19.55
CA GLY A 147 -15.06 3.81 -20.93
C GLY A 147 -13.63 4.34 -21.20
N TYR A 148 -12.82 4.54 -20.19
CA TYR A 148 -11.51 5.13 -20.36
C TYR A 148 -10.51 4.10 -20.88
N ILE A 149 -9.63 4.55 -21.78
CA ILE A 149 -8.60 3.69 -22.38
C ILE A 149 -7.32 4.29 -21.92
N PRO A 150 -6.58 3.61 -21.03
CA PRO A 150 -5.30 4.10 -20.65
C PRO A 150 -4.32 4.24 -21.85
N LYS A 151 -3.45 5.24 -21.74
CA LYS A 151 -2.56 5.68 -22.83
C LYS A 151 -1.38 4.73 -23.07
N SER A 152 -0.96 4.04 -22.03
CA SER A 152 0.22 3.14 -22.01
C SER A 152 -0.02 1.86 -21.19
N LYS A 153 0.96 0.97 -21.28
CA LYS A 153 0.95 -0.27 -20.48
C LYS A 153 1.00 -0.02 -18.96
N TYR A 154 1.75 0.98 -18.54
CA TYR A 154 1.93 1.42 -17.20
C TYR A 154 1.55 2.92 -17.19
N ALA A 155 0.61 3.26 -16.33
CA ALA A 155 0.16 4.65 -16.17
C ALA A 155 1.09 5.51 -15.36
N ALA A 156 1.25 6.76 -15.81
CA ALA A 156 1.97 7.79 -15.02
C ALA A 156 1.00 8.48 -13.99
N GLY A 157 1.57 9.07 -12.95
CA GLY A 157 0.85 9.77 -11.91
C GLY A 157 -0.31 10.57 -12.42
N PRO A 158 -0.05 11.52 -13.33
CA PRO A 158 -1.08 12.41 -13.81
C PRO A 158 -2.25 11.72 -14.43
N GLU A 159 -2.02 10.68 -15.21
CA GLU A 159 -3.11 9.92 -15.74
C GLU A 159 -3.92 9.22 -14.61
N LEU A 160 -3.20 8.82 -13.56
CA LEU A 160 -3.81 8.15 -12.44
C LEU A 160 -4.68 9.05 -11.60
N LEU A 161 -4.16 10.22 -11.36
CA LEU A 161 -4.90 11.24 -10.67
C LEU A 161 -6.15 11.73 -11.47
N GLU A 162 -5.94 11.95 -12.77
CA GLU A 162 -7.04 12.36 -13.60
C GLU A 162 -8.17 11.29 -13.59
N HIS A 163 -7.81 10.02 -13.54
CA HIS A 163 -8.81 8.97 -13.52
C HIS A 163 -9.66 8.98 -12.23
N ALA A 164 -9.00 9.22 -11.11
CA ALA A 164 -9.67 9.46 -9.84
C ALA A 164 -10.73 10.58 -9.99
N TYR A 165 -10.33 11.68 -10.62
CA TYR A 165 -11.26 12.78 -10.96
C TYR A 165 -12.32 12.38 -11.94
N ARG A 166 -11.95 11.52 -12.89
CA ARG A 166 -12.94 11.01 -13.82
C ARG A 166 -14.04 10.24 -13.07
N ILE A 167 -13.60 9.43 -12.11
CA ILE A 167 -14.57 8.61 -11.36
C ILE A 167 -15.45 9.55 -10.52
N ALA A 168 -14.82 10.46 -9.80
CA ALA A 168 -15.62 11.34 -8.94
C ALA A 168 -16.63 12.16 -9.73
N THR A 169 -16.25 12.54 -10.95
CA THR A 169 -17.12 13.28 -11.87
C THR A 169 -18.25 12.41 -12.34
N GLN A 170 -17.92 11.20 -12.78
CA GLN A 170 -18.91 10.33 -13.32
C GLN A 170 -19.98 10.00 -12.27
N TRP A 171 -19.60 9.81 -11.02
CA TRP A 171 -20.61 9.44 -10.02
C TRP A 171 -21.01 10.57 -9.14
N LYS A 172 -20.70 11.79 -9.56
CA LYS A 172 -21.14 13.01 -8.91
C LYS A 172 -20.78 13.07 -7.47
N LEU A 173 -19.51 12.93 -7.21
CA LEU A 173 -19.00 12.88 -5.86
C LEU A 173 -18.37 14.15 -5.42
N HIS A 174 -18.22 15.13 -6.32
CA HIS A 174 -17.51 16.34 -5.94
C HIS A 174 -18.06 17.12 -4.78
N ASP A 175 -19.35 17.12 -4.60
CA ASP A 175 -20.01 17.85 -3.52
C ASP A 175 -20.27 16.88 -2.39
N LYS A 176 -19.62 15.70 -2.34
CA LYS A 176 -19.79 14.78 -1.21
C LYS A 176 -18.47 14.40 -0.50
N ALA A 177 -17.54 15.31 -0.54
CA ALA A 177 -16.23 15.14 0.02
C ALA A 177 -15.78 16.30 0.88
N LEU A 178 -15.13 15.94 1.96
CA LEU A 178 -14.53 16.84 2.84
C LEU A 178 -13.00 16.56 2.83
N PHE A 179 -12.24 17.52 2.31
CA PHE A 179 -10.78 17.34 2.16
C PHE A 179 -10.02 18.11 3.25
N ARG A 180 -8.71 17.97 3.22
CA ARG A 180 -7.84 18.59 4.21
C ARG A 180 -8.19 18.19 5.63
N SER A 181 -8.87 17.08 5.81
CA SER A 181 -9.38 16.75 7.11
C SER A 181 -8.78 15.48 7.71
N ASN A 182 -8.28 15.59 8.93
CA ASN A 182 -7.78 14.48 9.67
C ASN A 182 -8.81 13.96 10.61
N VAL A 183 -9.12 12.69 10.48
CA VAL A 183 -10.00 12.00 11.43
C VAL A 183 -9.15 11.52 12.55
N LYS A 184 -9.57 11.76 13.80
CA LYS A 184 -8.79 11.32 15.01
C LYS A 184 -9.44 10.22 15.81
N THR A 185 -10.78 10.23 15.88
CA THR A 185 -11.55 9.38 16.73
C THR A 185 -12.81 8.99 16.03
N ILE A 186 -13.22 7.75 16.18
CA ILE A 186 -14.49 7.24 15.68
C ILE A 186 -15.13 6.54 16.87
N ARG A 187 -16.29 7.02 17.30
CA ARG A 187 -16.87 6.57 18.52
C ARG A 187 -18.33 6.23 18.33
N TRP A 188 -18.72 5.02 18.70
CA TRP A 188 -20.11 4.57 18.62
C TRP A 188 -20.88 5.12 19.83
N ASP A 189 -22.09 5.61 19.58
CA ASP A 189 -22.95 6.11 20.62
C ASP A 189 -24.14 5.15 20.80
N ASP A 190 -24.13 4.34 21.92
CA ASP A 190 -25.16 3.33 22.23
C ASP A 190 -26.53 3.98 22.27
N GLU A 191 -26.62 5.25 22.61
CA GLU A 191 -27.95 5.86 22.76
C GLU A 191 -28.56 6.18 21.43
N SER A 192 -28.01 7.10 20.69
CA SER A 192 -28.51 7.41 19.36
C SER A 192 -28.17 6.38 18.23
N ARG A 193 -27.35 5.36 18.52
CA ARG A 193 -27.01 4.36 17.53
C ARG A 193 -26.38 5.00 16.27
N LEU A 194 -25.36 5.82 16.49
CA LEU A 194 -24.65 6.47 15.41
C LEU A 194 -23.19 6.48 15.78
N TRP A 195 -22.34 6.43 14.76
CA TRP A 195 -20.94 6.72 14.91
C TRP A 195 -20.74 8.26 14.90
N SER A 196 -19.84 8.77 15.76
CA SER A 196 -19.37 10.13 15.73
C SER A 196 -17.87 10.12 15.38
N LEU A 197 -17.51 10.94 14.42
CA LEU A 197 -16.14 11.16 14.08
C LEU A 197 -15.69 12.53 14.55
N GLU A 198 -14.51 12.58 15.18
CA GLU A 198 -13.82 13.82 15.46
C GLU A 198 -12.82 14.07 14.41
N VAL A 199 -12.94 15.23 13.77
CA VAL A 199 -12.25 15.58 12.57
C VAL A 199 -11.69 17.02 12.72
N THR A 200 -10.48 17.23 12.23
CA THR A 200 -9.87 18.58 12.14
C THR A 200 -9.63 18.93 10.70
N GLU A 201 -10.28 19.96 10.21
CA GLU A 201 -10.15 20.43 8.85
C GLU A 201 -9.19 21.63 8.78
N GLY A 202 -8.04 21.41 8.10
CA GLY A 202 -7.14 22.46 7.66
C GLY A 202 -7.79 23.48 6.79
N ARG A 203 -7.50 24.75 7.03
CA ARG A 203 -8.05 25.83 6.18
C ARG A 203 -6.99 26.69 5.51
N GLY A 204 -5.74 26.30 5.60
CA GLY A 204 -4.72 26.99 4.80
C GLY A 204 -3.83 27.81 5.71
N PRO A 205 -2.77 28.39 5.14
CA PRO A 205 -1.76 29.02 5.99
C PRO A 205 -2.31 30.26 6.71
N GLY A 206 -1.89 30.44 7.98
CA GLY A 206 -2.44 31.50 8.88
C GLY A 206 -3.99 31.54 9.05
N GLN A 207 -4.69 30.41 8.85
CA GLN A 207 -6.14 30.34 9.08
C GLN A 207 -6.32 29.40 10.20
N GLN A 208 -7.41 29.47 10.92
CA GLN A 208 -7.58 28.55 11.98
C GLN A 208 -8.23 27.27 11.36
N SER A 209 -7.76 26.09 11.77
CA SER A 209 -8.39 24.81 11.53
C SER A 209 -9.78 24.77 12.16
N ARG A 210 -10.68 23.95 11.64
CA ARG A 210 -12.08 23.82 12.14
C ARG A 210 -12.17 22.43 12.79
N GLU A 211 -12.63 22.36 14.02
CA GLU A 211 -12.89 21.14 14.66
C GLU A 211 -14.32 20.78 14.32
N LEU A 212 -14.51 19.54 13.81
CA LEU A 212 -15.82 19.04 13.39
C LEU A 212 -16.15 17.71 14.06
N LYS A 213 -17.43 17.60 14.45
CA LYS A 213 -18.03 16.36 14.87
C LYS A 213 -19.05 15.94 13.83
N LEU A 214 -18.85 14.76 13.24
CA LEU A 214 -19.70 14.31 12.15
C LEU A 214 -20.26 13.00 12.53
N GLN A 215 -21.54 12.78 12.21
CA GLN A 215 -22.16 11.52 12.53
C GLN A 215 -22.63 10.72 11.35
N ALA A 216 -22.65 9.41 11.51
CA ALA A 216 -23.10 8.53 10.42
C ALA A 216 -23.69 7.25 10.94
N ARG A 217 -24.51 6.59 10.12
CA ARG A 217 -25.04 5.25 10.51
C ARG A 217 -23.99 4.19 10.31
N TYR A 218 -23.20 4.31 9.24
CA TYR A 218 -22.14 3.43 8.90
C TYR A 218 -20.84 4.18 8.67
N VAL A 219 -19.73 3.55 9.09
CA VAL A 219 -18.41 4.08 8.75
C VAL A 219 -17.67 3.02 7.97
N LEU A 220 -17.19 3.37 6.79
CA LEU A 220 -16.43 2.48 5.91
C LEU A 220 -14.96 3.02 5.82
N LEU A 221 -14.00 2.27 6.29
CA LEU A 221 -12.61 2.74 6.22
C LEU A 221 -11.96 2.25 4.92
N ALA A 222 -11.47 3.19 4.12
CA ALA A 222 -10.57 2.88 2.98
C ALA A 222 -9.32 3.77 3.17
N SER A 223 -8.69 3.56 4.30
CA SER A 223 -7.67 4.48 4.86
C SER A 223 -6.32 4.17 4.29
N GLY A 224 -6.22 3.07 3.52
CA GLY A 224 -4.95 2.74 2.82
C GLY A 224 -3.91 2.05 3.69
N ILE A 225 -2.72 1.87 3.10
CA ILE A 225 -1.65 1.11 3.72
C ILE A 225 -0.28 1.82 3.71
N LEU A 226 -0.05 2.70 2.72
CA LEU A 226 1.26 3.42 2.56
C LEU A 226 0.94 4.93 2.52
N THR A 227 0.69 5.46 3.72
CA THR A 227 -0.07 6.71 3.93
C THR A 227 0.68 7.80 4.67
N ASN A 228 1.67 7.39 5.45
CA ASN A 228 2.34 8.25 6.42
C ASN A 228 3.81 8.19 6.15
N PRO A 229 4.34 9.16 5.40
CA PRO A 229 5.76 9.13 5.03
C PRO A 229 6.61 9.03 6.29
N GLN A 230 7.61 8.12 6.31
CA GLN A 230 8.56 8.06 7.41
C GLN A 230 9.92 8.49 6.98
N VAL A 231 10.74 8.72 8.00
CA VAL A 231 12.18 8.95 7.85
C VAL A 231 12.91 8.16 8.92
N PRO A 232 14.14 7.76 8.58
CA PRO A 232 14.95 7.06 9.56
C PRO A 232 15.45 8.04 10.61
N LYS A 233 15.70 7.54 11.82
CA LYS A 233 16.24 8.35 12.91
C LYS A 233 17.73 8.54 12.62
N ILE A 234 18.09 9.35 11.64
CA ILE A 234 19.52 9.56 11.36
C ILE A 234 20.02 10.69 12.26
N PRO A 235 20.93 10.41 13.21
CA PRO A 235 21.43 11.47 14.12
C PRO A 235 21.81 12.74 13.40
N GLY A 236 21.26 13.87 13.85
CA GLY A 236 21.62 15.17 13.32
C GLY A 236 21.01 15.49 12.00
N LEU A 237 19.99 14.74 11.58
CA LEU A 237 19.34 15.01 10.27
C LEU A 237 18.63 16.37 10.24
N GLU A 238 18.02 16.70 11.38
CA GLU A 238 17.40 17.99 11.60
C GLU A 238 18.29 19.17 11.17
N THR A 239 19.61 18.99 11.32
CA THR A 239 20.65 20.05 11.15
C THR A 239 21.12 20.29 9.71
N PHE A 240 20.95 19.31 8.83
CA PHE A 240 21.29 19.53 7.41
C PHE A 240 20.69 20.84 6.94
N THR A 241 21.48 21.72 6.34
CA THR A 241 20.97 23.07 6.08
C THR A 241 20.41 23.28 4.68
N GLY A 242 20.64 22.38 3.75
CA GLY A 242 20.06 22.52 2.40
C GLY A 242 18.58 22.09 2.35
N PRO A 243 17.86 22.39 1.25
CA PRO A 243 16.50 21.95 1.08
C PRO A 243 16.34 20.37 1.14
N VAL A 244 15.37 19.90 1.89
CA VAL A 244 15.09 18.50 2.12
C VAL A 244 13.59 18.34 1.84
N PHE A 245 13.24 17.18 1.28
CA PHE A 245 11.87 16.83 1.07
C PHE A 245 11.74 15.34 0.90
N HIS A 246 10.53 14.83 1.14
CA HIS A 246 10.24 13.41 0.98
C HIS A 246 9.61 13.24 -0.40
N THR A 247 9.87 12.13 -1.05
CA THR A 247 9.32 11.88 -2.37
C THR A 247 7.80 11.94 -2.42
N ALA A 248 7.20 11.55 -1.30
CA ALA A 248 5.71 11.55 -1.17
C ALA A 248 5.17 12.99 -0.96
N ARG A 249 6.06 13.94 -0.68
CA ARG A 249 5.67 15.38 -0.70
C ARG A 249 6.70 16.20 -1.54
N TRP A 250 6.72 15.94 -2.87
CA TRP A 250 7.77 16.48 -3.73
C TRP A 250 7.76 18.02 -3.80
N ASN A 251 8.94 18.61 -3.73
CA ASN A 251 9.12 20.09 -3.76
C ASN A 251 9.69 20.55 -5.10
N TYR A 252 8.74 20.87 -5.98
CA TYR A 252 9.02 21.37 -7.28
C TYR A 252 9.61 22.77 -7.32
N ASP A 253 9.54 23.50 -6.20
CA ASP A 253 10.10 24.85 -6.14
C ASP A 253 11.59 24.67 -6.03
N VAL A 254 12.03 23.64 -5.33
CA VAL A 254 13.48 23.33 -5.19
C VAL A 254 14.05 22.74 -6.48
N THR A 255 13.24 21.97 -7.14
CA THR A 255 13.67 21.04 -8.12
C THR A 255 13.57 21.67 -9.52
N GLY A 256 12.60 22.56 -9.67
CA GLY A 256 12.09 22.96 -10.97
C GLY A 256 11.19 21.87 -11.49
N GLY A 257 10.57 22.10 -12.62
CA GLY A 257 9.61 21.17 -13.17
C GLY A 257 8.27 21.30 -12.45
N SER A 258 7.41 20.33 -12.71
CA SER A 258 6.09 20.21 -12.14
C SER A 258 5.56 18.74 -12.23
N PRO A 259 4.42 18.49 -11.62
CA PRO A 259 3.90 17.16 -11.78
C PRO A 259 3.83 16.70 -13.21
N THR A 260 3.72 17.60 -14.16
CA THR A 260 3.70 17.17 -15.57
C THR A 260 4.84 17.76 -16.36
N ASP A 261 5.89 18.13 -15.69
CA ASP A 261 7.09 18.63 -16.38
C ASP A 261 8.27 18.04 -15.65
N GLU A 262 8.97 17.07 -16.27
CA GLU A 262 10.13 16.43 -15.60
C GLU A 262 11.45 17.10 -15.85
N ALA A 263 11.42 18.25 -16.54
CA ALA A 263 12.67 19.00 -16.70
C ALA A 263 12.95 19.76 -15.42
N LEU A 264 13.83 19.15 -14.61
CA LEU A 264 14.24 19.61 -13.31
C LEU A 264 15.39 20.60 -13.41
N ASN A 265 15.15 21.66 -14.16
CA ASN A 265 16.17 22.70 -14.48
C ASN A 265 16.90 23.21 -13.26
N ARG A 266 16.26 23.34 -12.09
CA ARG A 266 16.92 23.88 -10.91
C ARG A 266 17.81 23.01 -10.16
N LEU A 267 17.91 21.77 -10.59
CA LEU A 267 19.00 20.93 -10.10
C LEU A 267 20.35 21.16 -10.80
N GLU A 268 20.33 21.81 -11.95
CA GLU A 268 21.60 22.00 -12.70
C GLU A 268 22.59 22.70 -11.80
N GLY A 269 23.82 22.24 -11.81
CA GLY A 269 24.84 22.78 -10.95
C GLY A 269 24.84 22.22 -9.57
N LYS A 270 23.87 21.39 -9.19
CA LYS A 270 23.72 21.02 -7.78
C LYS A 270 24.13 19.61 -7.51
N ARG A 271 24.43 19.42 -6.24
CA ARG A 271 24.84 18.19 -5.63
C ARG A 271 23.64 17.58 -4.84
N VAL A 272 22.93 16.64 -5.49
CA VAL A 272 21.69 16.05 -4.96
C VAL A 272 21.91 14.67 -4.28
N GLY A 273 21.37 14.47 -3.08
CA GLY A 273 21.46 13.21 -2.37
C GLY A 273 20.08 12.56 -2.37
N ILE A 274 20.03 11.24 -2.55
CA ILE A 274 18.76 10.47 -2.32
C ILE A 274 18.98 9.31 -1.37
N ILE A 275 18.22 9.30 -0.25
CA ILE A 275 18.28 8.17 0.70
C ILE A 275 17.21 7.20 0.32
N GLY A 276 17.61 5.95 0.06
CA GLY A 276 16.66 4.89 -0.29
C GLY A 276 16.78 4.37 -1.72
N THR A 277 16.51 3.08 -1.83
CA THR A 277 16.53 2.35 -3.12
C THR A 277 15.25 1.45 -3.29
N GLY A 278 14.07 1.92 -2.88
CA GLY A 278 12.78 1.17 -3.07
C GLY A 278 12.18 1.57 -4.41
N ALA A 279 10.92 1.22 -4.66
CA ALA A 279 10.32 1.51 -5.94
C ALA A 279 10.35 2.98 -6.31
N THR A 280 10.15 3.81 -5.31
CA THR A 280 10.15 5.26 -5.57
C THR A 280 11.52 5.70 -6.08
N ALA A 281 12.56 5.30 -5.38
CA ALA A 281 13.93 5.64 -5.85
C ALA A 281 14.24 5.09 -7.29
N ILE A 282 13.82 3.86 -7.55
CA ILE A 282 13.97 3.27 -8.88
C ILE A 282 13.38 4.16 -9.99
N GLN A 283 12.26 4.81 -9.70
CA GLN A 283 11.57 5.64 -10.69
C GLN A 283 12.21 7.04 -10.71
N VAL A 284 12.65 7.57 -9.55
CA VAL A 284 13.10 8.96 -9.45
C VAL A 284 14.56 9.12 -9.91
N VAL A 285 15.38 8.15 -9.54
CA VAL A 285 16.84 8.25 -9.75
C VAL A 285 17.22 8.63 -11.18
N PRO A 286 16.61 8.03 -12.20
CA PRO A 286 16.96 8.47 -13.53
C PRO A 286 16.64 9.95 -13.89
N LYS A 287 15.59 10.47 -13.25
CA LYS A 287 15.06 11.75 -13.55
C LYS A 287 15.96 12.71 -12.88
N LEU A 288 16.45 12.37 -11.69
CA LEU A 288 17.41 13.19 -10.98
C LEU A 288 18.75 13.26 -11.71
N ALA A 289 19.23 12.10 -12.22
CA ALA A 289 20.51 12.00 -12.94
C ALA A 289 20.54 12.87 -14.15
N LYS A 290 19.43 13.05 -14.82
CA LYS A 290 19.46 13.86 -15.98
C LYS A 290 19.69 15.34 -15.75
N TYR A 291 19.52 15.80 -14.53
CA TYR A 291 19.58 17.24 -14.24
C TYR A 291 20.58 17.64 -13.27
N ALA A 292 20.82 16.82 -12.25
CA ALA A 292 21.70 17.19 -11.19
C ALA A 292 23.11 17.22 -11.71
N LYS A 293 23.95 17.99 -11.04
CA LYS A 293 25.36 18.01 -11.43
C LYS A 293 25.98 16.70 -10.94
N GLU A 294 25.76 16.38 -9.66
CA GLU A 294 26.12 15.10 -9.09
C GLU A 294 24.88 14.50 -8.48
N LEU A 295 24.74 13.18 -8.53
CA LEU A 295 23.68 12.47 -7.76
C LEU A 295 24.34 11.40 -6.92
N TYR A 296 24.16 11.48 -5.61
CA TYR A 296 24.59 10.47 -4.72
C TYR A 296 23.37 9.66 -4.27
N VAL A 297 23.44 8.34 -4.41
CA VAL A 297 22.37 7.47 -4.01
C VAL A 297 22.78 6.68 -2.80
N PHE A 298 22.05 6.89 -1.69
CA PHE A 298 22.41 6.25 -0.42
C PHE A 298 21.57 5.01 -0.14
N GLN A 299 22.26 3.87 -0.12
CA GLN A 299 21.66 2.56 -0.13
C GLN A 299 21.98 1.73 1.14
N ARG A 300 20.94 1.18 1.70
CA ARG A 300 21.11 0.18 2.74
C ARG A 300 20.77 -1.20 2.26
N THR A 301 19.75 -1.35 1.42
CA THR A 301 19.47 -2.64 0.76
C THR A 301 19.08 -2.45 -0.70
N PRO A 302 19.85 -3.05 -1.62
CA PRO A 302 19.49 -2.91 -3.00
C PRO A 302 18.10 -3.53 -3.33
N SER A 303 17.37 -2.98 -4.30
CA SER A 303 16.21 -3.66 -4.93
C SER A 303 16.64 -4.66 -6.00
N GLY A 304 15.86 -5.72 -6.13
CA GLY A 304 15.91 -6.54 -7.30
C GLY A 304 15.09 -5.89 -8.39
N VAL A 305 15.79 -5.42 -9.39
CA VAL A 305 15.27 -4.64 -10.44
C VAL A 305 15.09 -5.46 -11.71
N TRP A 306 13.85 -5.72 -12.04
CA TRP A 306 13.53 -6.52 -13.23
C TRP A 306 13.13 -5.60 -14.37
N TRP A 307 12.78 -6.14 -15.53
CA TRP A 307 12.53 -5.35 -16.69
C TRP A 307 11.10 -4.81 -16.64
N ARG A 308 10.91 -3.64 -17.27
CA ARG A 308 9.59 -3.00 -17.34
C ARG A 308 8.84 -3.20 -18.65
N GLY A 309 9.46 -2.87 -19.78
CA GLY A 309 8.72 -2.97 -21.00
C GLY A 309 7.49 -2.08 -21.22
N GLN A 310 7.70 -0.81 -20.95
CA GLN A 310 6.69 0.22 -21.18
C GLN A 310 6.46 0.29 -22.66
N ARG A 311 5.22 0.57 -23.05
CA ARG A 311 4.69 0.41 -24.37
C ARG A 311 3.42 1.33 -24.43
N PRO A 312 3.19 2.04 -25.55
CA PRO A 312 1.91 2.74 -25.75
C PRO A 312 0.76 1.75 -25.96
N THR A 313 -0.46 2.11 -25.62
CA THR A 313 -1.60 1.22 -25.84
C THR A 313 -1.82 1.13 -27.37
N ASP A 314 -2.09 -0.06 -27.87
CA ASP A 314 -2.43 -0.28 -29.29
C ASP A 314 -3.91 -0.47 -29.49
N PRO A 315 -4.53 0.35 -30.35
CA PRO A 315 -6.01 0.35 -30.40
C PRO A 315 -6.59 -0.90 -30.95
N VAL A 316 -5.80 -1.66 -31.72
CA VAL A 316 -6.26 -2.99 -32.19
C VAL A 316 -6.12 -4.03 -31.07
N GLU A 317 -5.04 -3.94 -30.34
CA GLU A 317 -4.83 -4.83 -29.22
C GLU A 317 -5.95 -4.56 -28.14
N TRP A 318 -6.13 -3.29 -27.82
CA TRP A 318 -7.28 -2.86 -26.99
C TRP A 318 -8.63 -3.60 -27.22
N LYS A 319 -9.16 -3.60 -28.42
CA LYS A 319 -10.53 -4.13 -28.64
C LYS A 319 -10.51 -5.63 -28.80
N THR A 320 -9.35 -6.15 -29.15
CA THR A 320 -9.14 -7.55 -29.42
C THR A 320 -8.73 -8.33 -28.21
N LYS A 321 -7.77 -7.78 -27.48
CA LYS A 321 -7.03 -8.52 -26.45
C LYS A 321 -7.14 -7.99 -25.02
N ILE A 322 -7.74 -6.83 -24.84
CA ILE A 322 -7.84 -6.20 -23.51
C ILE A 322 -9.31 -6.09 -23.16
N ALA A 323 -10.01 -5.15 -23.76
CA ALA A 323 -11.42 -5.00 -23.46
C ALA A 323 -12.21 -6.09 -24.23
N ARG A 324 -12.04 -7.34 -23.88
CA ARG A 324 -12.44 -8.42 -24.75
C ARG A 324 -13.91 -8.68 -24.63
N LYS A 325 -14.53 -8.30 -23.55
CA LYS A 325 -15.95 -8.64 -23.34
C LYS A 325 -16.47 -8.06 -22.03
N LYS A 326 -17.77 -8.22 -21.71
CA LYS A 326 -18.33 -7.60 -20.50
C LYS A 326 -17.67 -8.22 -19.34
N GLY A 327 -17.15 -7.46 -18.40
CA GLY A 327 -16.53 -8.06 -17.20
C GLY A 327 -15.08 -8.40 -17.48
N TRP A 328 -14.50 -7.78 -18.50
CA TRP A 328 -13.15 -8.16 -18.87
C TRP A 328 -12.09 -7.87 -17.81
N GLN A 329 -12.26 -6.79 -17.08
CA GLN A 329 -11.19 -6.38 -16.19
C GLN A 329 -11.00 -7.33 -14.98
N ARG A 330 -12.11 -7.81 -14.41
CA ARG A 330 -11.98 -8.77 -13.35
C ARG A 330 -11.30 -10.08 -13.85
N GLU A 331 -11.61 -10.50 -15.04
CA GLU A 331 -11.00 -11.69 -15.58
C GLU A 331 -9.48 -11.44 -15.79
N ARG A 332 -9.11 -10.26 -16.27
CA ARG A 332 -7.73 -9.95 -16.46
C ARG A 332 -6.90 -9.92 -15.15
N MET A 333 -7.50 -9.39 -14.10
CA MET A 333 -6.88 -9.26 -12.83
C MET A 333 -6.64 -10.65 -12.27
N LEU A 334 -7.61 -11.52 -12.50
CA LEU A 334 -7.48 -12.94 -12.09
C LEU A 334 -6.35 -13.66 -12.85
N ASN A 335 -6.30 -13.43 -14.14
CA ASN A 335 -5.23 -13.96 -14.97
C ASN A 335 -3.83 -13.55 -14.49
N LEU A 336 -3.62 -12.26 -14.25
CA LEU A 336 -2.39 -11.76 -13.71
C LEU A 336 -2.07 -12.44 -12.35
N ASP A 337 -3.02 -12.40 -11.44
CA ASP A 337 -2.74 -12.90 -10.14
C ASP A 337 -2.49 -14.42 -10.14
N SER A 338 -2.98 -15.18 -11.15
CA SER A 338 -2.72 -16.61 -11.20
C SER A 338 -1.26 -16.91 -11.30
N TYR A 339 -0.45 -15.98 -11.85
CA TYR A 339 0.99 -16.21 -11.95
C TYR A 339 1.69 -15.96 -10.62
N LEU A 340 1.20 -15.02 -9.88
CA LEU A 340 1.77 -14.65 -8.61
C LEU A 340 1.34 -15.55 -7.47
N THR A 341 0.25 -16.29 -7.65
CA THR A 341 -0.19 -17.27 -6.64
C THR A 341 0.27 -18.69 -7.06
N ASP A 342 1.12 -18.77 -8.05
CA ASP A 342 1.67 -20.07 -8.52
C ASP A 342 0.51 -20.98 -8.93
N ALA A 343 -0.40 -20.43 -9.73
CA ALA A 343 -1.62 -21.11 -10.10
C ALA A 343 -1.93 -21.05 -11.58
N ALA A 344 -1.01 -20.64 -12.44
CA ALA A 344 -1.36 -20.48 -13.84
C ALA A 344 -1.53 -21.89 -14.43
N GLU A 345 -2.70 -22.16 -15.01
CA GLU A 345 -2.93 -23.45 -15.69
C GLU A 345 -2.23 -23.61 -17.06
N GLU A 346 -2.08 -24.88 -17.49
CA GLU A 346 -0.98 -25.33 -18.39
C GLU A 346 -0.71 -24.56 -19.67
N GLY A 347 -1.76 -24.41 -20.45
CA GLY A 347 -1.65 -23.62 -21.69
C GLY A 347 -2.58 -22.45 -21.57
N GLN A 348 -2.71 -21.83 -20.39
CA GLN A 348 -3.52 -20.59 -20.33
C GLN A 348 -2.80 -19.45 -21.02
N GLU A 349 -3.58 -18.53 -21.57
CA GLU A 349 -3.06 -17.26 -22.09
C GLU A 349 -2.47 -16.48 -20.92
N ASN A 350 -1.26 -15.95 -21.11
CA ASN A 350 -0.68 -15.01 -20.19
C ASN A 350 -1.09 -13.65 -20.73
N MET A 351 -2.18 -13.13 -20.21
CA MET A 351 -2.74 -11.92 -20.80
C MET A 351 -1.82 -10.71 -20.61
N VAL A 352 -1.28 -10.56 -19.41
CA VAL A 352 -0.47 -9.38 -19.13
C VAL A 352 0.93 -9.50 -19.66
N ALA A 353 1.52 -10.68 -19.44
CA ALA A 353 2.83 -11.02 -20.05
C ALA A 353 3.92 -10.00 -19.77
N ASP A 354 4.03 -9.60 -18.52
CA ASP A 354 5.09 -8.74 -18.14
C ASP A 354 5.88 -9.38 -17.04
N GLY A 355 6.75 -8.61 -16.40
CA GLY A 355 7.66 -9.13 -15.43
C GLY A 355 7.07 -9.73 -14.19
N TRP A 356 5.83 -9.31 -13.83
CA TRP A 356 5.14 -9.90 -12.70
C TRP A 356 4.78 -11.38 -12.94
N THR A 357 4.70 -11.82 -14.18
CA THR A 357 4.31 -13.18 -14.52
C THR A 357 5.49 -14.17 -14.51
N GLU A 358 6.66 -13.70 -14.07
CA GLU A 358 7.90 -14.47 -14.06
C GLU A 358 8.46 -14.75 -12.68
N MET A 359 7.59 -14.63 -11.67
CA MET A 359 8.02 -14.71 -10.28
C MET A 359 7.00 -15.54 -9.45
N PRO A 360 6.86 -16.84 -9.79
CA PRO A 360 5.91 -17.71 -9.12
C PRO A 360 6.21 -17.95 -7.63
N ALA A 361 7.43 -17.69 -7.18
CA ALA A 361 7.72 -17.73 -5.74
C ALA A 361 7.20 -16.54 -5.00
N PHE A 362 6.70 -15.51 -5.73
CA PHE A 362 5.93 -14.47 -4.96
C PHE A 362 4.77 -15.03 -4.12
N SER A 363 4.27 -16.16 -4.52
CA SER A 363 3.22 -16.89 -3.80
C SER A 363 3.63 -17.23 -2.34
N ALA A 364 4.93 -17.21 -2.07
CA ALA A 364 5.42 -17.38 -0.71
C ALA A 364 4.73 -16.41 0.22
N VAL A 365 4.48 -15.21 -0.24
CA VAL A 365 3.90 -14.22 0.63
C VAL A 365 2.45 -13.95 0.37
N ILE A 366 1.94 -14.35 -0.79
CA ILE A 366 0.54 -14.15 -1.19
C ILE A 366 -0.38 -15.34 -0.90
N GLY A 367 0.13 -16.56 -1.04
CA GLY A 367 -0.72 -17.77 -0.96
C GLY A 367 -0.69 -18.44 -2.31
N SER A 368 -1.11 -19.67 -2.36
CA SER A 368 -1.33 -20.40 -3.59
C SER A 368 -2.45 -21.34 -3.38
N PRO A 369 -3.37 -21.52 -4.35
CA PRO A 369 -4.36 -22.59 -4.13
C PRO A 369 -3.90 -23.97 -4.53
N ARG A 370 -2.65 -24.15 -4.89
CA ARG A 370 -2.30 -25.35 -5.60
C ARG A 370 -1.57 -26.35 -4.75
N HIS A 371 -1.16 -25.97 -3.55
CA HIS A 371 -0.27 -26.82 -2.83
C HIS A 371 -0.80 -27.24 -1.50
N GLY A 372 -2.08 -27.14 -1.24
CA GLY A 372 -2.64 -27.53 0.09
C GLY A 372 -2.32 -26.49 1.18
N ILE A 373 -2.46 -26.90 2.43
CA ILE A 373 -2.20 -26.11 3.60
C ILE A 373 -1.00 -26.70 4.26
N VAL A 374 -0.13 -25.85 4.78
CA VAL A 374 1.10 -26.34 5.31
C VAL A 374 0.80 -26.82 6.72
N GLU A 375 1.15 -28.06 7.04
CA GLU A 375 0.99 -28.56 8.42
C GLU A 375 2.02 -27.94 9.30
N PRO A 376 1.68 -27.66 10.54
CA PRO A 376 2.66 -26.92 11.40
C PRO A 376 3.68 -27.76 12.22
N THR A 377 4.28 -28.77 11.59
CA THR A 377 5.38 -29.56 12.16
C THR A 377 6.64 -29.04 11.55
N PRO A 378 7.75 -29.10 12.27
CA PRO A 378 9.00 -28.61 11.67
C PRO A 378 9.42 -29.30 10.34
N GLU A 379 9.07 -30.56 10.15
CA GLU A 379 9.41 -31.28 8.91
C GLU A 379 8.61 -30.72 7.74
N LYS A 380 7.34 -30.41 7.98
CA LYS A 380 6.46 -29.89 6.94
C LYS A 380 6.79 -28.45 6.61
N ILE A 381 7.13 -27.64 7.59
CA ILE A 381 7.58 -26.28 7.30
C ILE A 381 8.87 -26.27 6.46
N ALA A 382 9.83 -27.11 6.83
CA ALA A 382 11.11 -27.17 6.13
C ALA A 382 10.94 -27.57 4.66
N GLU A 383 10.02 -28.49 4.41
CA GLU A 383 9.73 -28.95 3.11
C GLU A 383 9.08 -27.80 2.28
N HIS A 384 8.19 -27.05 2.91
CA HIS A 384 7.51 -25.89 2.30
C HIS A 384 8.55 -24.84 1.95
N LEU A 385 9.44 -24.53 2.90
CA LEU A 385 10.45 -23.59 2.59
C LEU A 385 11.41 -24.08 1.48
N GLY A 386 11.77 -25.36 1.52
CA GLY A 386 12.63 -25.88 0.50
C GLY A 386 12.02 -25.73 -0.85
N ARG A 387 10.73 -26.07 -0.95
CA ARG A 387 9.98 -25.95 -2.20
C ARG A 387 10.00 -24.49 -2.75
N LEU A 388 9.69 -23.54 -1.89
CA LEU A 388 9.63 -22.13 -2.29
C LEU A 388 11.00 -21.60 -2.67
N TYR A 389 12.03 -21.90 -1.91
CA TYR A 389 13.41 -21.53 -2.27
C TYR A 389 13.83 -22.07 -3.67
N LYS A 390 13.49 -23.32 -3.94
CA LYS A 390 13.75 -23.93 -5.25
C LYS A 390 12.92 -23.28 -6.31
N LEU A 391 11.65 -23.01 -6.04
CA LEU A 391 10.86 -22.28 -7.00
C LEU A 391 11.41 -20.90 -7.41
N ASP A 392 11.93 -20.17 -6.43
CA ASP A 392 12.45 -18.83 -6.67
C ASP A 392 13.79 -18.74 -7.37
N LEU A 393 14.59 -19.79 -7.23
CA LEU A 393 15.96 -19.77 -7.65
C LEU A 393 16.16 -19.27 -9.11
N PRO A 394 15.39 -19.79 -10.06
CA PRO A 394 15.66 -19.35 -11.41
C PRO A 394 15.37 -17.84 -11.63
N HIS A 395 14.25 -17.32 -11.15
CA HIS A 395 14.03 -15.92 -11.38
C HIS A 395 15.07 -15.06 -10.64
N ALA A 396 15.36 -15.43 -9.39
CA ALA A 396 16.29 -14.68 -8.59
C ALA A 396 17.67 -14.59 -9.23
N GLU A 397 18.15 -15.70 -9.80
CA GLU A 397 19.44 -15.70 -10.47
C GLU A 397 19.37 -14.84 -11.73
N GLN A 398 18.26 -14.86 -12.48
CA GLN A 398 18.12 -13.93 -13.61
C GLN A 398 18.16 -12.48 -13.22
N VAL A 399 17.58 -12.12 -12.10
CA VAL A 399 17.60 -10.72 -11.70
C VAL A 399 19.04 -10.25 -11.47
N ARG A 400 19.83 -11.05 -10.77
CA ARG A 400 21.25 -10.70 -10.50
C ARG A 400 22.10 -10.65 -11.76
N ALA A 401 21.80 -11.56 -12.66
CA ALA A 401 22.52 -11.61 -13.94
C ALA A 401 22.20 -10.40 -14.81
N ARG A 402 20.92 -9.99 -14.78
CA ARG A 402 20.50 -8.82 -15.52
C ARG A 402 21.32 -7.63 -15.01
N THR A 403 21.45 -7.55 -13.70
CA THR A 403 22.19 -6.44 -13.07
C THR A 403 23.64 -6.53 -13.49
N ASP A 404 24.17 -7.73 -13.39
CA ASP A 404 25.53 -8.00 -13.89
C ASP A 404 25.80 -7.49 -15.32
N SER A 405 24.87 -7.74 -16.21
CA SER A 405 25.01 -7.35 -17.61
C SER A 405 24.89 -5.85 -17.89
N ILE A 406 24.12 -5.11 -17.11
CA ILE A 406 23.85 -3.70 -17.42
C ILE A 406 24.91 -2.81 -16.79
N VAL A 407 25.28 -3.10 -15.57
CA VAL A 407 26.07 -2.19 -14.82
C VAL A 407 27.55 -2.46 -15.10
N LYS A 408 28.20 -1.49 -15.73
CA LYS A 408 29.49 -1.73 -16.38
C LYS A 408 30.56 -1.92 -15.37
N ASP A 409 30.63 -1.07 -14.40
CA ASP A 409 31.60 -1.26 -13.33
C ASP A 409 31.28 -2.43 -12.36
N PRO A 410 32.18 -3.44 -12.25
CA PRO A 410 31.84 -4.58 -11.40
C PRO A 410 31.73 -4.27 -9.94
N LYS A 411 32.34 -3.20 -9.47
CA LYS A 411 32.19 -2.87 -8.05
C LYS A 411 30.77 -2.37 -7.77
N THR A 412 30.25 -1.56 -8.68
CA THR A 412 28.96 -0.97 -8.51
C THR A 412 27.92 -2.10 -8.79
N ALA A 413 28.15 -2.92 -9.80
CA ALA A 413 27.31 -4.08 -10.06
C ALA A 413 27.17 -4.98 -8.83
N ALA A 414 28.27 -5.20 -8.16
CA ALA A 414 28.25 -6.02 -6.95
C ALA A 414 27.33 -5.48 -5.85
N LYS A 415 27.36 -4.16 -5.68
CA LYS A 415 26.57 -3.49 -4.65
C LYS A 415 25.07 -3.38 -5.01
N LEU A 416 24.75 -3.52 -6.27
CA LEU A 416 23.38 -3.37 -6.73
C LEU A 416 22.59 -4.65 -6.78
N LYS A 417 23.29 -5.76 -6.56
CA LYS A 417 22.75 -7.09 -6.59
C LYS A 417 22.04 -7.33 -5.29
N ALA A 418 20.80 -7.82 -5.37
CA ALA A 418 20.08 -8.17 -4.16
C ALA A 418 20.14 -9.66 -3.93
N TRP A 419 20.35 -10.03 -2.65
CA TRP A 419 20.53 -11.38 -2.20
C TRP A 419 19.49 -11.76 -1.16
N TYR A 420 18.27 -11.87 -1.60
CA TYR A 420 17.19 -12.33 -0.78
C TYR A 420 16.13 -12.92 -1.70
N PRO A 421 15.25 -13.80 -1.19
CA PRO A 421 14.16 -14.29 -2.02
C PRO A 421 13.25 -13.17 -2.55
N THR A 422 12.74 -13.35 -3.76
CA THR A 422 11.89 -12.40 -4.43
C THR A 422 10.73 -11.93 -3.50
N TRP A 423 10.15 -12.86 -2.76
CA TRP A 423 9.06 -12.50 -1.87
C TRP A 423 9.35 -11.55 -0.65
N CYS A 424 10.62 -11.25 -0.31
CA CYS A 424 10.94 -10.47 0.88
C CYS A 424 10.78 -8.95 0.77
N LYS A 425 10.70 -8.43 -0.45
CA LYS A 425 10.49 -7.04 -0.74
C LYS A 425 9.61 -6.94 -1.93
N ARG A 426 9.07 -5.75 -2.13
CA ARG A 426 8.27 -5.53 -3.34
C ARG A 426 9.20 -5.58 -4.58
N PRO A 427 8.85 -6.37 -5.58
CA PRO A 427 9.71 -6.32 -6.76
C PRO A 427 9.51 -4.96 -7.48
N THR A 428 10.53 -4.55 -8.22
CA THR A 428 10.59 -3.22 -8.90
C THR A 428 10.95 -3.49 -10.27
N PHE A 429 10.53 -2.62 -11.17
CA PHE A 429 10.66 -2.88 -12.60
C PHE A 429 11.15 -1.60 -13.23
N SER A 430 12.24 -1.66 -14.00
CA SER A 430 12.78 -0.51 -14.65
C SER A 430 13.74 -0.90 -15.76
N ASP A 431 13.58 -0.20 -16.90
CA ASP A 431 14.51 -0.26 -18.01
C ASP A 431 15.52 0.90 -18.09
N GLU A 432 15.59 1.75 -17.07
CA GLU A 432 16.51 2.87 -16.97
C GLU A 432 17.32 2.95 -15.67
N TYR A 433 16.87 2.39 -14.53
CA TYR A 433 17.55 2.63 -13.30
C TYR A 433 18.97 2.09 -13.22
N LEU A 434 19.14 0.85 -13.61
CA LEU A 434 20.47 0.21 -13.50
C LEU A 434 21.48 0.93 -14.42
N GLN A 435 21.03 1.23 -15.64
CA GLN A 435 21.80 1.92 -16.68
C GLN A 435 22.27 3.27 -16.17
N THR A 436 21.47 3.92 -15.28
CA THR A 436 21.77 5.23 -14.68
C THR A 436 23.07 5.25 -13.92
N PHE A 437 23.37 4.13 -13.26
CA PHE A 437 24.66 4.04 -12.58
C PHE A 437 25.84 3.89 -13.57
N ASN A 438 25.60 3.83 -14.89
CA ASN A 438 26.71 3.92 -15.83
C ASN A 438 27.08 5.33 -16.15
N LEU A 439 26.36 6.32 -15.60
CA LEU A 439 26.63 7.70 -15.88
C LEU A 439 27.67 8.25 -14.90
N PRO A 440 28.52 9.14 -15.37
CA PRO A 440 29.68 9.63 -14.58
C PRO A 440 29.32 10.46 -13.41
N ASN A 441 28.23 11.19 -13.55
CA ASN A 441 27.72 12.02 -12.43
C ASN A 441 26.93 11.26 -11.34
N VAL A 442 26.79 9.94 -11.46
CA VAL A 442 26.01 9.16 -10.49
C VAL A 442 26.90 8.25 -9.65
N HIS A 443 26.74 8.35 -8.33
CA HIS A 443 27.52 7.58 -7.39
C HIS A 443 26.70 6.80 -6.42
N LEU A 444 26.82 5.50 -6.45
CA LEU A 444 26.22 4.67 -5.47
C LEU A 444 27.03 4.74 -4.19
N VAL A 445 26.40 5.05 -3.10
CA VAL A 445 26.99 4.99 -1.79
C VAL A 445 26.37 3.85 -0.98
N ASP A 446 27.00 2.69 -1.03
CA ASP A 446 26.52 1.55 -0.20
C ASP A 446 26.84 1.75 1.27
N THR A 447 25.96 1.31 2.16
CA THR A 447 26.19 1.43 3.58
C THR A 447 26.39 0.08 4.24
N ASP A 448 26.72 -0.92 3.42
CA ASP A 448 26.95 -2.29 3.85
C ASP A 448 25.88 -2.84 4.75
N GLY A 449 24.62 -2.53 4.46
CA GLY A 449 23.51 -3.03 5.25
C GLY A 449 23.24 -2.21 6.50
N LYS A 450 24.06 -1.18 6.72
CA LYS A 450 24.09 -0.50 7.99
C LYS A 450 23.20 0.76 7.96
N GLY A 451 23.03 1.39 6.79
CA GLY A 451 22.30 2.64 6.61
C GLY A 451 23.16 3.86 6.82
N VAL A 452 22.60 5.05 6.59
CA VAL A 452 23.36 6.27 6.80
C VAL A 452 23.66 6.53 8.29
N ASP A 453 24.89 6.95 8.59
CA ASP A 453 25.40 7.01 9.95
C ASP A 453 24.87 8.20 10.73
N ALA A 454 24.95 9.35 10.08
CA ALA A 454 24.65 10.59 10.72
C ALA A 454 24.49 11.61 9.63
N ALA A 455 23.99 12.78 10.00
CA ALA A 455 24.02 13.93 9.12
C ALA A 455 24.62 15.10 9.83
N ASN A 456 24.96 16.09 9.05
CA ASN A 456 25.40 17.36 9.57
C ASN A 456 25.03 18.47 8.59
N PRO A 457 25.33 19.71 8.94
CA PRO A 457 24.90 20.82 8.14
C PRO A 457 25.17 20.79 6.68
N SER A 458 26.27 20.24 6.25
CA SER A 458 26.58 20.21 4.83
C SER A 458 26.23 18.88 4.16
N GLY A 459 26.05 17.83 4.94
CA GLY A 459 25.64 16.57 4.34
C GLY A 459 25.47 15.36 5.22
N LEU A 460 25.85 14.18 4.70
CA LEU A 460 25.75 12.90 5.41
C LEU A 460 27.12 12.29 5.67
N VAL A 461 27.18 11.42 6.66
CA VAL A 461 28.35 10.61 6.90
C VAL A 461 27.98 9.10 6.81
N VAL A 462 28.85 8.37 6.13
CA VAL A 462 28.80 6.93 6.02
C VAL A 462 30.22 6.44 6.30
N ALA A 463 30.35 5.50 7.24
CA ALA A 463 31.64 4.97 7.72
C ALA A 463 32.70 6.07 7.80
N ASP A 464 32.34 7.14 8.50
CA ASP A 464 33.25 8.28 8.70
C ASP A 464 33.67 9.01 7.47
N LYS A 465 33.31 8.58 6.27
CA LYS A 465 33.51 9.42 5.12
C LYS A 465 32.32 10.36 5.12
N GLU A 466 32.49 11.56 4.59
CA GLU A 466 31.43 12.55 4.57
C GLU A 466 31.08 12.77 3.13
N TYR A 467 29.81 13.06 2.87
CA TYR A 467 29.28 13.30 1.55
C TYR A 467 28.50 14.62 1.67
N PRO A 468 29.09 15.72 1.15
CA PRO A 468 28.39 17.01 1.16
C PRO A 468 27.25 17.03 0.17
N LEU A 469 26.12 17.63 0.50
CA LEU A 469 25.03 17.79 -0.47
C LEU A 469 24.45 19.16 -0.43
N ASP A 470 23.93 19.56 -1.58
CA ASP A 470 23.08 20.76 -1.73
C ASP A 470 21.60 20.48 -1.40
N ILE A 471 21.01 19.47 -2.02
CA ILE A 471 19.59 19.17 -1.90
C ILE A 471 19.48 17.73 -1.46
N LEU A 472 18.65 17.43 -0.46
CA LEU A 472 18.46 16.05 0.02
C LEU A 472 17.02 15.55 -0.21
N VAL A 473 16.92 14.41 -0.86
CA VAL A 473 15.63 13.75 -1.16
C VAL A 473 15.50 12.50 -0.31
N LEU A 474 14.38 12.37 0.39
CA LEU A 474 14.10 11.29 1.30
C LEU A 474 13.07 10.39 0.61
N SER A 475 13.57 9.26 0.18
CA SER A 475 12.78 8.23 -0.48
C SER A 475 12.85 7.04 0.48
N THR A 476 12.47 7.32 1.72
CA THR A 476 12.63 6.40 2.82
C THR A 476 11.28 5.74 3.20
N GLY A 477 10.27 5.96 2.39
CA GLY A 477 9.13 5.10 2.48
C GLY A 477 8.13 5.63 3.48
N TYR A 478 7.25 4.74 3.92
CA TYR A 478 6.02 5.02 4.70
C TYR A 478 5.94 4.09 5.85
N VAL A 479 5.19 4.47 6.88
CA VAL A 479 4.89 3.51 7.97
C VAL A 479 4.38 2.17 7.36
N THR A 480 4.95 1.06 7.85
CA THR A 480 4.59 -0.22 7.32
C THR A 480 3.03 -0.50 7.28
N PRO A 481 2.56 -1.20 6.22
CA PRO A 481 1.16 -1.62 6.18
C PRO A 481 0.76 -2.47 7.39
N SER A 482 1.76 -3.16 7.97
CA SER A 482 1.58 -4.08 9.12
C SER A 482 1.44 -3.41 10.47
N ILE A 483 1.55 -2.10 10.49
CA ILE A 483 1.69 -1.40 11.75
C ILE A 483 0.60 -1.80 12.80
N GLY A 484 1.03 -1.91 14.06
CA GLY A 484 0.08 -2.18 15.18
C GLY A 484 -0.59 -3.56 15.12
N GLY A 485 0.23 -4.53 14.63
CA GLY A 485 -0.20 -5.92 14.39
C GLY A 485 -1.37 -6.03 13.41
N GLY A 486 -1.48 -5.07 12.46
CA GLY A 486 -2.67 -5.00 11.59
C GLY A 486 -3.90 -4.32 12.15
N SER A 487 -3.83 -3.62 13.28
CA SER A 487 -5.01 -2.99 13.88
C SER A 487 -5.59 -2.03 12.87
N PRO A 488 -6.90 -2.17 12.53
CA PRO A 488 -7.39 -1.11 11.63
C PRO A 488 -7.29 0.29 12.25
N ALA A 489 -7.29 0.42 13.57
CA ALA A 489 -7.21 1.70 14.24
C ALA A 489 -5.82 2.32 14.07
N VAL A 490 -4.82 1.52 14.41
CA VAL A 490 -3.45 2.02 14.29
C VAL A 490 -3.15 2.34 12.86
N ARG A 491 -3.48 1.46 11.95
CA ARG A 491 -3.17 1.73 10.59
C ARG A 491 -3.82 2.99 10.03
N THR A 492 -5.00 3.33 10.48
CA THR A 492 -5.66 4.52 9.98
C THR A 492 -5.33 5.74 10.79
N GLY A 493 -4.67 5.55 11.94
CA GLY A 493 -4.23 6.67 12.75
C GLY A 493 -5.37 7.29 13.61
N VAL A 494 -6.36 6.48 13.96
CA VAL A 494 -7.56 6.94 14.73
C VAL A 494 -7.71 6.10 15.96
N ASP A 495 -8.34 6.61 16.98
CA ASP A 495 -8.84 5.75 18.03
C ASP A 495 -10.27 5.39 17.65
N ILE A 496 -10.61 4.12 17.82
CA ILE A 496 -11.93 3.59 17.47
C ILE A 496 -12.56 3.01 18.71
N TYR A 497 -13.72 3.56 19.13
CA TYR A 497 -14.39 3.08 20.36
C TYR A 497 -15.75 2.59 19.95
N GLY A 498 -16.12 1.39 20.34
CA GLY A 498 -17.41 0.83 20.00
C GLY A 498 -18.36 0.70 21.20
N ARG A 499 -19.14 -0.39 21.20
CA ARG A 499 -20.07 -0.67 22.28
C ARG A 499 -19.36 -0.65 23.65
N GLY A 500 -20.01 -0.03 24.62
CA GLY A 500 -19.44 0.13 25.94
C GLY A 500 -18.18 0.93 25.98
N GLY A 501 -17.93 1.78 24.98
CA GLY A 501 -16.65 2.49 24.92
C GLY A 501 -15.39 1.67 24.70
N LYS A 502 -15.54 0.36 24.45
CA LYS A 502 -14.43 -0.54 24.09
C LYS A 502 -13.56 -0.08 22.85
N SER A 503 -12.24 -0.02 23.06
CA SER A 503 -11.28 0.39 22.04
C SER A 503 -10.94 -0.74 21.08
N LEU A 504 -11.05 -0.48 19.80
CA LEU A 504 -10.76 -1.54 18.81
C LEU A 504 -9.32 -2.01 19.02
N ASP A 505 -8.43 -1.05 19.21
CA ASP A 505 -7.03 -1.40 19.25
C ASP A 505 -6.68 -2.17 20.51
N ASP A 506 -7.27 -1.81 21.61
CA ASP A 506 -7.03 -2.58 22.84
C ASP A 506 -7.50 -4.00 22.66
N LYS A 507 -8.71 -4.20 22.10
CA LYS A 507 -9.14 -5.58 21.77
C LYS A 507 -8.08 -6.30 20.90
N TRP A 508 -7.66 -5.64 19.84
CA TRP A 508 -6.72 -6.23 18.90
C TRP A 508 -5.41 -6.66 19.58
N GLN A 509 -4.87 -5.79 20.43
CA GLN A 509 -3.56 -6.02 21.08
C GLN A 509 -3.69 -7.05 22.21
N THR A 510 -4.80 -7.06 22.92
CA THR A 510 -4.99 -7.90 24.05
C THR A 510 -5.51 -9.25 23.72
N HIS A 511 -6.54 -9.36 22.88
CA HIS A 511 -7.16 -10.63 22.55
C HIS A 511 -6.63 -11.19 21.21
N GLY A 512 -6.05 -10.30 20.39
CA GLY A 512 -5.53 -10.70 19.06
C GLY A 512 -6.47 -10.24 17.94
N ALA A 513 -5.97 -10.32 16.71
CA ALA A 513 -6.77 -9.94 15.57
C ALA A 513 -8.09 -10.71 15.58
N ALA A 514 -9.19 -10.00 15.33
CA ALA A 514 -10.47 -10.67 15.25
C ALA A 514 -11.43 -10.00 14.33
N THR A 515 -11.81 -10.68 13.27
CA THR A 515 -12.74 -10.20 12.32
C THR A 515 -13.50 -11.36 11.76
N LEU A 516 -14.54 -11.05 10.98
CA LEU A 516 -15.04 -11.95 9.99
C LEU A 516 -14.61 -11.42 8.58
N HIS A 517 -13.92 -12.28 7.85
CA HIS A 517 -13.46 -12.02 6.46
C HIS A 517 -12.51 -10.86 6.28
N GLY A 518 -11.95 -10.40 7.37
CA GLY A 518 -11.08 -9.23 7.44
C GLY A 518 -11.74 -7.86 7.39
N VAL A 519 -13.06 -7.81 7.46
CA VAL A 519 -13.72 -6.52 7.16
C VAL A 519 -14.53 -5.88 8.27
N CYS A 520 -14.75 -6.63 9.35
CA CYS A 520 -15.52 -6.08 10.53
C CYS A 520 -15.12 -6.83 11.78
N SER A 521 -15.50 -6.32 12.94
CA SER A 521 -15.17 -6.85 14.27
C SER A 521 -16.36 -6.66 15.28
N ASN A 522 -16.49 -7.66 16.14
CA ASN A 522 -17.51 -7.67 17.16
C ASN A 522 -17.31 -6.56 18.16
N GLY A 523 -18.40 -5.91 18.49
CA GLY A 523 -18.39 -4.67 19.35
C GLY A 523 -18.40 -3.36 18.59
N PHE A 524 -18.40 -3.43 17.26
CA PHE A 524 -18.16 -2.31 16.32
C PHE A 524 -19.13 -2.40 15.20
N PRO A 525 -20.46 -2.31 15.57
CA PRO A 525 -21.55 -2.43 14.60
C PRO A 525 -21.48 -1.34 13.57
N ASN A 526 -21.89 -1.66 12.34
CA ASN A 526 -21.91 -0.70 11.27
C ASN A 526 -20.58 -0.11 10.93
N LEU A 527 -19.50 -0.78 11.24
CA LEU A 527 -18.14 -0.33 10.83
C LEU A 527 -17.61 -1.42 9.98
N PHE A 528 -17.04 -1.03 8.85
CA PHE A 528 -16.34 -1.92 7.97
C PHE A 528 -15.04 -1.35 7.48
N PHE A 529 -14.11 -2.21 7.09
CA PHE A 529 -12.80 -1.77 6.67
C PHE A 529 -12.31 -2.66 5.60
N THR A 530 -11.48 -2.10 4.71
CA THR A 530 -10.96 -2.87 3.59
C THR A 530 -10.10 -3.97 4.18
N PRO A 531 -10.20 -5.16 3.65
CA PRO A 531 -9.55 -6.23 4.39
C PRO A 531 -8.01 -6.21 4.30
N LEU A 532 -7.34 -6.26 5.44
CA LEU A 532 -5.93 -6.46 5.47
C LEU A 532 -5.66 -7.73 6.34
N SER A 533 -5.57 -7.68 7.66
CA SER A 533 -5.49 -8.88 8.45
C SER A 533 -6.66 -9.87 8.14
N GLN A 534 -6.37 -11.16 8.21
CA GLN A 534 -7.36 -12.26 8.18
C GLN A 534 -8.11 -12.30 6.84
N SER A 535 -7.39 -12.04 5.75
CA SER A 535 -8.04 -12.12 4.49
C SER A 535 -7.06 -12.72 3.44
N SER A 536 -6.91 -12.08 2.31
CA SER A 536 -5.90 -12.38 1.33
C SER A 536 -5.56 -11.04 0.68
N GLN A 537 -4.49 -11.00 -0.08
CA GLN A 537 -4.02 -9.80 -0.73
C GLN A 537 -3.54 -10.28 -2.15
N ALA A 538 -3.43 -9.35 -3.06
CA ALA A 538 -2.91 -9.58 -4.33
C ALA A 538 -1.82 -8.57 -4.50
N ALA A 539 -0.78 -8.85 -5.31
CA ALA A 539 0.16 -7.82 -5.68
C ALA A 539 -0.53 -6.57 -6.20
N ASN A 540 -1.63 -6.79 -6.90
CA ASN A 540 -2.40 -5.75 -7.45
C ASN A 540 -3.41 -5.39 -6.39
N ASN A 541 -3.11 -4.34 -5.67
CA ASN A 541 -3.96 -3.84 -4.62
C ASN A 541 -5.34 -3.44 -5.08
N ALA A 542 -5.53 -3.09 -6.35
CA ALA A 542 -6.81 -2.67 -6.87
C ALA A 542 -7.71 -3.87 -6.96
N PHE A 543 -7.10 -5.04 -7.12
CA PHE A 543 -7.88 -6.24 -7.15
C PHE A 543 -8.45 -6.53 -5.73
N THR A 544 -7.59 -6.46 -4.75
CA THR A 544 -8.01 -6.58 -3.39
C THR A 544 -9.17 -5.62 -3.02
N LEU A 545 -9.00 -4.38 -3.40
CA LEU A 545 -9.99 -3.35 -3.13
C LEU A 545 -11.27 -3.62 -3.85
N ASP A 546 -11.19 -4.10 -5.10
CA ASP A 546 -12.35 -4.55 -5.88
C ASP A 546 -13.13 -5.61 -5.07
N VAL A 547 -12.43 -6.66 -4.72
CA VAL A 547 -13.04 -7.77 -3.96
C VAL A 547 -13.64 -7.29 -2.65
N GLY A 548 -12.85 -6.51 -1.93
CA GLY A 548 -13.25 -6.16 -0.59
C GLY A 548 -14.40 -5.14 -0.54
N THR A 549 -14.32 -4.10 -1.33
CA THR A 549 -15.40 -3.12 -1.39
C THR A 549 -16.72 -3.75 -1.85
N GLU A 550 -16.65 -4.64 -2.86
CA GLU A 550 -17.83 -5.39 -3.30
C GLU A 550 -18.43 -6.25 -2.18
N HIS A 551 -17.61 -6.99 -1.44
CA HIS A 551 -18.17 -7.76 -0.36
C HIS A 551 -18.88 -6.87 0.69
N ILE A 552 -18.19 -5.82 1.13
CA ILE A 552 -18.71 -4.95 2.17
C ILE A 552 -20.08 -4.38 1.71
N VAL A 553 -20.12 -3.84 0.50
CA VAL A 553 -21.34 -3.14 -0.02
C VAL A 553 -22.46 -4.16 -0.21
N GLN A 554 -22.09 -5.38 -0.65
CA GLN A 554 -23.12 -6.39 -0.81
C GLN A 554 -23.70 -6.92 0.55
N VAL A 555 -22.86 -7.05 1.58
CA VAL A 555 -23.33 -7.42 2.90
C VAL A 555 -24.28 -6.36 3.45
N ILE A 556 -23.85 -5.10 3.29
CA ILE A 556 -24.70 -4.00 3.72
C ILE A 556 -26.06 -3.98 2.93
N LYS A 557 -25.96 -4.15 1.61
CA LYS A 557 -27.17 -4.25 0.76
C LYS A 557 -28.15 -5.33 1.24
N THR A 558 -27.60 -6.48 1.54
CA THR A 558 -28.37 -7.57 2.08
C THR A 558 -29.06 -7.21 3.37
N ALA A 559 -28.30 -6.69 4.30
CA ALA A 559 -28.81 -6.34 5.61
C ALA A 559 -29.88 -5.27 5.48
N GLU A 560 -29.61 -4.23 4.66
CA GLU A 560 -30.59 -3.13 4.47
C GLU A 560 -31.88 -3.73 3.87
N ASP A 561 -31.74 -4.62 2.89
CA ASP A 561 -32.89 -5.19 2.26
C ASP A 561 -33.67 -6.07 3.27
N ARG A 562 -32.99 -6.84 4.06
CA ARG A 562 -33.66 -7.66 5.04
C ARG A 562 -34.46 -6.91 6.09
N VAL A 563 -33.97 -5.75 6.57
CA VAL A 563 -34.77 -4.91 7.52
C VAL A 563 -35.63 -3.83 6.88
N ASP A 564 -35.71 -3.84 5.56
CA ASP A 564 -36.35 -2.77 4.80
C ASP A 564 -35.86 -1.33 5.17
N GLY A 565 -34.55 -1.19 5.10
CA GLY A 565 -33.85 0.09 5.26
C GLY A 565 -33.49 0.29 6.74
N ASP A 566 -32.25 0.74 6.95
CA ASP A 566 -31.76 1.17 8.25
C ASP A 566 -31.43 0.05 9.16
N ALA A 567 -30.37 -0.65 8.76
CA ALA A 567 -29.84 -1.78 9.55
C ALA A 567 -28.77 -1.47 10.51
N LEU A 568 -28.77 -2.32 11.53
CA LEU A 568 -27.67 -2.42 12.43
C LEU A 568 -27.07 -3.79 12.22
N VAL A 569 -25.80 -3.84 11.83
CA VAL A 569 -25.15 -5.03 11.39
C VAL A 569 -23.90 -5.21 12.17
N GLU A 570 -23.77 -6.36 12.85
CA GLU A 570 -22.66 -6.56 13.79
C GLU A 570 -22.26 -8.01 13.78
N VAL A 571 -21.01 -8.29 13.44
CA VAL A 571 -20.54 -9.68 13.50
C VAL A 571 -20.57 -10.19 14.99
N THR A 572 -20.89 -11.46 15.16
CA THR A 572 -20.84 -12.01 16.53
C THR A 572 -19.41 -12.39 16.99
N SER A 573 -19.17 -12.49 18.26
CA SER A 573 -17.85 -12.90 18.79
C SER A 573 -17.53 -14.31 18.33
N GLU A 574 -18.57 -15.15 18.28
CA GLU A 574 -18.47 -16.55 17.81
C GLU A 574 -17.99 -16.65 16.43
N ALA A 575 -18.57 -15.85 15.54
CA ALA A 575 -18.26 -15.92 14.09
C ALA A 575 -16.84 -15.37 13.86
N GLU A 576 -16.47 -14.28 14.50
CA GLU A 576 -15.11 -13.74 14.35
C GLU A 576 -14.04 -14.66 14.93
N GLU A 577 -14.41 -15.37 15.99
CA GLU A 577 -13.49 -16.25 16.61
C GLU A 577 -13.28 -17.55 15.80
N ALA A 578 -14.33 -18.08 15.20
CA ALA A 578 -14.18 -19.14 14.26
C ALA A 578 -13.26 -18.74 13.08
N TRP A 579 -13.42 -17.51 12.59
CA TRP A 579 -12.73 -17.06 11.40
C TRP A 579 -11.23 -16.95 11.79
N SER A 580 -11.00 -16.44 13.03
CA SER A 580 -9.67 -16.27 13.57
C SER A 580 -8.93 -17.60 13.76
N PHE A 581 -9.64 -18.67 14.19
CA PHE A 581 -9.06 -20.01 14.22
C PHE A 581 -8.84 -20.51 12.79
N GLU A 582 -9.69 -20.14 11.84
CA GLU A 582 -9.38 -20.45 10.42
C GLU A 582 -8.03 -19.83 10.03
N ILE A 583 -7.82 -18.55 10.38
CA ILE A 583 -6.62 -17.88 9.97
C ILE A 583 -5.38 -18.61 10.59
N MET A 584 -5.48 -19.02 11.86
CA MET A 584 -4.39 -19.72 12.57
C MET A 584 -4.00 -20.99 11.84
N LYS A 585 -5.01 -21.69 11.27
CA LYS A 585 -4.76 -22.89 10.49
C LYS A 585 -3.84 -22.65 9.26
N HIS A 586 -3.83 -21.42 8.76
CA HIS A 586 -3.06 -21.07 7.58
C HIS A 586 -1.65 -20.50 7.83
N ALA A 587 -1.25 -20.36 9.11
CA ALA A 587 -0.06 -19.63 9.53
C ALA A 587 1.25 -20.27 9.06
N GLY A 588 1.26 -21.58 8.96
CA GLY A 588 2.43 -22.32 8.47
C GLY A 588 2.89 -21.87 7.09
N TRP A 589 1.97 -21.48 6.22
CA TRP A 589 2.37 -20.90 4.93
C TRP A 589 3.38 -19.76 5.13
N PHE A 590 3.17 -18.94 6.15
CA PHE A 590 3.94 -17.71 6.30
C PHE A 590 5.26 -17.81 7.07
N ALA A 591 5.62 -19.05 7.42
CA ALA A 591 7.04 -19.33 7.76
C ALA A 591 8.00 -18.93 6.66
N SER A 592 7.48 -18.88 5.42
CA SER A 592 8.19 -18.26 4.32
C SER A 592 8.86 -16.94 4.66
N VAL A 593 8.34 -16.20 5.61
CA VAL A 593 8.83 -14.89 5.89
C VAL A 593 10.02 -14.90 6.89
N THR A 594 10.24 -16.01 7.57
CA THR A 594 11.33 -16.15 8.53
C THR A 594 12.67 -15.75 8.06
N GLY A 595 13.03 -16.20 6.88
CA GLY A 595 14.37 -15.96 6.38
C GLY A 595 14.55 -14.62 5.73
N CYS A 596 13.50 -13.79 5.68
CA CYS A 596 13.62 -12.49 5.02
C CYS A 596 14.57 -11.47 5.67
N THR A 597 15.42 -10.83 4.84
CA THR A 597 16.01 -9.53 5.15
C THR A 597 14.88 -8.66 5.65
N PRO A 598 15.19 -7.81 6.67
CA PRO A 598 14.20 -6.86 7.20
C PRO A 598 13.64 -5.96 6.11
N GLY A 599 12.40 -5.53 6.33
CA GLY A 599 11.68 -4.67 5.38
C GLY A 599 10.30 -4.52 5.95
N TYR A 600 9.44 -3.73 5.28
CA TYR A 600 8.09 -3.57 5.84
C TYR A 600 7.28 -4.93 6.00
N ILE A 601 7.60 -5.96 5.19
CA ILE A 601 6.89 -7.29 5.26
C ILE A 601 7.30 -8.21 6.49
N THR A 602 8.43 -7.94 7.11
CA THR A 602 8.77 -8.52 8.44
C THR A 602 8.63 -7.49 9.57
N SER A 603 8.14 -6.28 9.26
CA SER A 603 8.09 -5.15 10.23
C SER A 603 9.49 -4.92 10.86
N GLU A 604 10.44 -4.70 9.94
CA GLU A 604 11.90 -4.70 10.19
C GLU A 604 12.42 -5.81 11.16
N GLY A 605 11.99 -7.06 10.95
CA GLY A 605 12.37 -8.19 11.85
C GLY A 605 11.50 -8.43 13.12
N GLU A 606 10.60 -7.52 13.45
CA GLU A 606 9.73 -7.71 14.63
C GLU A 606 8.74 -8.90 14.46
N ALA A 607 8.04 -8.95 13.33
CA ALA A 607 7.34 -10.17 12.93
C ALA A 607 8.39 -11.25 12.91
N PRO A 614 5.72 -19.43 23.90
CA PRO A 614 4.40 -19.99 24.32
C PRO A 614 3.36 -20.01 23.14
N MET A 615 2.06 -19.96 23.53
CA MET A 615 0.82 -19.74 22.68
C MET A 615 0.54 -18.30 22.28
N GLU A 616 1.35 -17.37 22.78
CA GLU A 616 1.55 -16.02 22.24
C GLU A 616 1.74 -16.12 20.71
N MET A 617 2.33 -17.23 20.27
CA MET A 617 2.50 -17.48 18.85
C MET A 617 1.18 -17.57 18.09
N ALA A 618 0.19 -18.16 18.71
CA ALA A 618 -1.09 -18.31 18.03
C ALA A 618 -1.88 -16.98 18.03
N LYS A 619 -1.67 -16.21 19.08
CA LYS A 619 -2.16 -14.86 19.04
C LYS A 619 -1.54 -14.04 17.91
N ARG A 620 -0.25 -14.20 17.68
CA ARG A 620 0.40 -13.54 16.53
C ARG A 620 -0.07 -14.08 15.20
N ALA A 621 -0.25 -15.37 15.14
CA ALA A 621 -0.71 -15.97 13.96
C ALA A 621 -2.11 -15.46 13.57
N ARG A 622 -2.90 -15.03 14.55
CA ARG A 622 -4.24 -14.60 14.23
C ARG A 622 -4.23 -13.41 13.28
N SER A 623 -3.13 -12.65 13.22
CA SER A 623 -3.17 -11.45 12.41
C SER A 623 -2.81 -11.63 10.97
N GLY A 624 -2.49 -12.86 10.55
CA GLY A 624 -2.11 -13.13 9.16
C GLY A 624 -3.30 -13.39 8.29
N ASN A 625 -3.04 -14.06 7.18
CA ASN A 625 -3.95 -14.22 6.11
C ASN A 625 -4.22 -15.67 5.79
N LEU A 626 -5.27 -15.89 5.01
CA LEU A 626 -5.49 -17.16 4.40
C LEU A 626 -4.25 -17.40 3.50
N SER A 627 -3.98 -18.65 3.14
CA SER A 627 -2.76 -19.04 2.44
C SER A 627 -3.05 -19.47 0.99
N GLN A 628 -4.29 -19.29 0.51
CA GLN A 628 -4.69 -19.88 -0.74
C GLN A 628 -4.88 -18.96 -1.92
N GLY A 629 -4.55 -17.68 -1.74
CA GLY A 629 -4.70 -16.60 -2.72
C GLY A 629 -6.01 -15.90 -2.92
N MET A 630 -5.92 -14.79 -3.63
CA MET A 630 -7.10 -13.90 -3.78
C MET A 630 -8.31 -14.60 -4.44
N ALA A 631 -8.09 -15.38 -5.49
CA ALA A 631 -9.23 -15.99 -6.20
C ALA A 631 -10.04 -16.85 -5.25
N SER A 632 -9.31 -17.65 -4.45
CA SER A 632 -9.93 -18.55 -3.46
C SER A 632 -10.76 -17.77 -2.37
N TYR A 633 -10.18 -16.76 -1.77
CA TYR A 633 -10.88 -15.86 -0.87
C TYR A 633 -12.18 -15.25 -1.52
N MET A 634 -11.99 -14.73 -2.74
CA MET A 634 -13.10 -14.17 -3.51
C MET A 634 -14.26 -15.13 -3.68
N LYS A 635 -13.93 -16.33 -4.13
CA LYS A 635 -14.93 -17.38 -4.32
C LYS A 635 -15.65 -17.70 -2.96
N LEU A 636 -14.87 -17.79 -1.90
CA LEU A 636 -15.42 -18.03 -0.56
C LEU A 636 -16.47 -16.96 -0.19
N LEU A 637 -16.18 -15.67 -0.48
CA LEU A 637 -17.09 -14.62 -0.21
C LEU A 637 -18.34 -14.71 -1.04
N GLN A 638 -18.16 -15.04 -2.31
CA GLN A 638 -19.30 -15.20 -3.23
C GLN A 638 -20.22 -16.27 -2.68
N GLU A 639 -19.66 -17.41 -2.29
CA GLU A 639 -20.53 -18.45 -1.75
C GLU A 639 -21.23 -18.02 -0.45
N TYR A 640 -20.50 -17.28 0.36
CA TYR A 640 -21.03 -16.81 1.61
C TYR A 640 -22.28 -15.86 1.45
N ARG A 641 -22.24 -15.04 0.41
CA ARG A 641 -23.25 -14.04 0.20
C ARG A 641 -24.45 -14.63 -0.51
N ALA A 642 -24.27 -15.75 -1.15
CA ALA A 642 -25.26 -16.23 -2.07
C ALA A 642 -26.68 -16.36 -1.49
N ASP A 643 -26.87 -16.75 -0.22
CA ASP A 643 -28.25 -16.95 0.14
C ASP A 643 -28.88 -15.88 1.03
N GLY A 644 -28.17 -14.75 1.22
CA GLY A 644 -28.64 -13.65 2.04
C GLY A 644 -28.66 -13.94 3.53
N SER A 645 -28.18 -15.14 3.95
CA SER A 645 -28.26 -15.49 5.39
C SER A 645 -27.31 -14.65 6.27
N LEU A 646 -26.19 -14.18 5.71
CA LEU A 646 -25.24 -13.43 6.47
C LEU A 646 -24.83 -14.11 7.75
N LYS A 647 -24.42 -15.34 7.59
CA LYS A 647 -24.19 -16.23 8.71
C LYS A 647 -23.16 -15.62 9.61
N GLY A 648 -23.38 -15.67 10.93
CA GLY A 648 -22.47 -14.99 11.82
C GLY A 648 -22.69 -13.47 12.06
N PHE A 649 -23.63 -12.82 11.36
CA PHE A 649 -23.99 -11.43 11.70
C PHE A 649 -25.28 -11.37 12.52
N ASP A 650 -25.26 -10.52 13.53
CA ASP A 650 -26.46 -10.09 14.20
C ASP A 650 -27.02 -8.93 13.35
N ILE A 651 -28.23 -9.10 12.85
CA ILE A 651 -28.92 -8.09 12.00
C ILE A 651 -30.15 -7.66 12.79
N SER A 652 -30.45 -6.40 12.75
CA SER A 652 -31.61 -5.84 13.45
C SER A 652 -31.85 -4.47 12.89
N SER A 653 -32.93 -3.83 13.30
CA SER A 653 -33.22 -2.51 12.81
C SER A 653 -32.43 -1.53 13.65
N ARG A 654 -31.80 -0.56 13.03
CA ARG A 654 -31.03 0.43 13.77
C ARG A 654 -32.03 1.41 14.42
N ALA A 655 -33.14 1.66 13.79
CA ALA A 655 -34.10 2.52 14.42
C ALA A 655 -35.42 1.84 14.54
PA FAD B . -4.91 5.47 -0.40
O1A FAD B . -3.73 5.45 0.51
O2A FAD B . -4.75 5.65 -1.90
O5B FAD B . -5.91 6.62 0.11
C5B FAD B . -6.23 6.71 1.45
C4B FAD B . -6.37 8.17 1.82
O4B FAD B . -6.92 8.20 3.16
C3B FAD B . -5.06 8.97 1.86
O3B FAD B . -5.25 10.21 1.24
C2B FAD B . -4.80 9.15 3.34
O2B FAD B . -4.09 10.33 3.61
C1B FAD B . -6.21 9.17 3.88
N9A FAD B . -6.27 8.90 5.29
C8A FAD B . -5.73 7.83 5.94
N7A FAD B . -5.98 7.96 7.24
C5A FAD B . -6.64 9.10 7.47
C6A FAD B . -7.20 9.76 8.67
N6A FAD B . -7.09 9.32 9.91
N1A FAD B . -7.87 10.85 8.41
C2A FAD B . -8.00 11.38 7.17
N3A FAD B . -7.53 10.88 6.04
C4A FAD B . -6.82 9.73 6.18
N1 FAD B . -0.39 -0.58 -5.55
C2 FAD B . -0.63 -1.37 -6.65
O2 FAD B . -1.40 -2.32 -6.58
N3 FAD B . -0.04 -1.11 -7.82
C4 FAD B . 0.80 -0.06 -7.93
O4 FAD B . 1.30 0.13 -9.03
C4X FAD B . 1.13 0.84 -6.82
N5 FAD B . 2.01 1.89 -6.88
C5X FAD B . 2.21 2.64 -5.76
C6 FAD B . 3.16 3.77 -5.79
C7 FAD B . 3.32 4.52 -4.52
C7M FAD B . 4.25 5.70 -4.44
C8 FAD B . 2.58 4.14 -3.28
C8M FAD B . 2.73 4.90 -1.96
C9 FAD B . 1.72 3.07 -3.29
C9A FAD B . 1.52 2.31 -4.47
N10 FAD B . 0.64 1.21 -4.41
C10 FAD B . 0.42 0.48 -5.59
C1' FAD B . -0.14 0.87 -3.20
C2' FAD B . -1.36 1.89 -3.17
O2' FAD B . -1.41 2.52 -1.89
C3' FAD B . -2.75 1.25 -3.54
O3' FAD B . -2.67 0.70 -4.86
C4' FAD B . -3.96 2.21 -3.63
O4' FAD B . -3.69 3.52 -4.29
C5' FAD B . -4.57 2.41 -2.23
O5' FAD B . -5.91 2.96 -2.43
P FAD B . -6.66 3.29 -1.03
O1P FAD B . -7.80 4.29 -1.43
O2P FAD B . -6.90 1.95 -0.34
O3P FAD B . -5.52 4.02 -0.08
PA NDP C . 10.42 1.74 0.71
O1A NDP C . 10.04 1.64 2.23
O2A NDP C . 10.15 0.64 -0.29
O5B NDP C . 11.96 2.21 0.64
C5B NDP C . 12.55 3.04 1.62
C4B NDP C . 14.03 2.94 1.31
O4B NDP C . 14.79 3.74 2.26
C3B NDP C . 14.54 1.50 1.38
O3B NDP C . 15.31 1.22 0.20
C2B NDP C . 15.31 1.54 2.67
O2B NDP C . 16.35 0.51 2.79
C1B NDP C . 15.85 2.95 2.69
N9A NDP C . 16.30 3.31 4.05
C8A NDP C . 15.59 3.24 5.22
N7A NDP C . 16.35 3.63 6.26
C5A NDP C . 17.54 3.95 5.70
C6A NDP C . 18.82 4.41 6.24
N6A NDP C . 18.90 4.60 7.55
N1A NDP C . 19.82 4.61 5.36
C2A NDP C . 19.72 4.40 4.01
N3A NDP C . 18.60 3.97 3.43
C4A NDP C . 17.51 3.73 4.25
O3 NDP C . 9.72 3.02 0.05
PN NDP C . 9.35 3.39 -1.50
O1N NDP C . 8.71 4.81 -1.42
O2N NDP C . 10.56 3.24 -2.41
O5D NDP C . 8.24 2.31 -1.96
C5D NDP C . 7.07 2.12 -1.08
C4D NDP C . 5.98 1.35 -1.79
O4D NDP C . 5.38 2.14 -2.84
C3D NDP C . 6.59 0.20 -2.60
O3D NDP C . 7.18 -0.91 -1.83
C2D NDP C . 5.48 -0.08 -3.64
O2D NDP C . 4.37 -0.83 -3.05
C1D NDP C . 5.14 1.35 -4.07
P2B NDP C . 15.97 -0.92 3.45
O1X NDP C . 15.19 -0.56 4.71
O2X NDP C . 17.26 -1.60 3.87
O3X NDP C . 15.29 -1.75 2.35
C1 GOL D . 15.23 -12.02 -5.96
O1 GOL D . 14.41 -11.69 -7.13
C2 GOL D . 16.73 -11.81 -6.19
O2 GOL D . 17.36 -11.96 -4.92
C3 GOL D . 16.96 -10.42 -6.75
O3 GOL D . 18.31 -9.99 -6.87
#